data_6BBO
#
_entry.id   6BBO
#
_cell.length_a   101.293
_cell.length_b   101.293
_cell.length_c   211.217
_cell.angle_alpha   90.00
_cell.angle_beta   90.00
_cell.angle_gamma   120.00
#
_symmetry.space_group_name_H-M   'P 31 1 2'
#
loop_
_entity.id
_entity.type
_entity.pdbx_description
1 polymer APOBEC3H
2 polymer "RNA (5'-R(*UP*AP*AP*AP*AP*AP*AP*A)-3')"
3 polymer "RNA (5'-R(*UP*UP*UP*UP*UP*UP*UP*U)-3')"
4 polymer 'MCherry fluorescent protein'
5 non-polymer 'ZINC ION'
6 non-polymer GLYCEROL
#
loop_
_entity_poly.entity_id
_entity_poly.type
_entity_poly.pdbx_seq_one_letter_code
_entity_poly.pdbx_strand_id
1 'polypeptide(L)'
;LLTAETFRLQFNNKRRLRRPYYPRKALLCYQLTPQNGSTPTRGYFENKKECHAAICFINEIKSMGLDETQCYQVTCYLTW
SPCSSCAWELVDFIKAHDHLNLRIFASRLYYHWCKPQQDGLRLLCGSQVPVEVMGFPEFADCWENFVDHEKPLSFNPYKM
LEELDKNSRAIKRRLDRIKQ
;
A,E
2 'polyribonucleotide' UAAAAAAA B,F
3 'polyribonucleotide' UUUUUUUU C,G
4 'polypeptide(L)'
;NMAIIKEFMRFKVHMEGSVNGHEFEIEGEGEGRPYEGTQTAKLKVTKGGPLPFAWDILSPQFMYGSKAYVKHPADIPDYL
KLSFPEGFKWERVMNFEDGGVVTVTQDSSLQDGEFIYKVKLRGTNFPSDGPVMQKKTMGWEASSERMYPEDGALKGEIKQ
RLKLKDGGHYDAEVKTTYKAKKPVQLPGAYNVNIKLDITSHNEDYTIVEQYERAEGRHS
;
D,H
#
# COMPACT_ATOMS: atom_id res chain seq x y z
N LEU A 1 -9.02 19.09 0.76
CA LEU A 1 -7.99 19.41 1.74
C LEU A 1 -6.61 18.98 1.22
N LEU A 2 -6.21 19.55 0.10
CA LEU A 2 -4.93 19.24 -0.53
C LEU A 2 -4.09 20.51 -0.62
N THR A 3 -2.81 20.32 -0.95
CA THR A 3 -1.86 21.41 -1.11
C THR A 3 -1.68 21.73 -2.58
N ALA A 4 -1.49 23.02 -2.89
CA ALA A 4 -1.33 23.45 -4.27
C ALA A 4 -0.09 22.82 -4.90
N GLU A 5 0.98 22.64 -4.11
CA GLU A 5 2.16 21.95 -4.61
C GLU A 5 1.87 20.48 -4.87
N THR A 6 1.19 19.81 -3.93
CA THR A 6 0.87 18.40 -4.08
C THR A 6 0.04 18.13 -5.33
N PHE A 7 -0.76 19.11 -5.76
CA PHE A 7 -1.55 18.96 -6.98
C PHE A 7 -0.65 18.64 -8.17
N ARG A 8 0.31 19.51 -8.46
CA ARG A 8 1.22 19.24 -9.57
C ARG A 8 2.23 18.14 -9.24
N LEU A 9 2.45 17.85 -7.95
CA LEU A 9 3.37 16.77 -7.61
C LEU A 9 2.76 15.39 -7.87
N GLN A 10 1.43 15.29 -7.84
CA GLN A 10 0.76 14.01 -8.05
C GLN A 10 -0.10 13.95 -9.30
N PHE A 11 -0.70 15.05 -9.74
CA PHE A 11 -1.53 15.03 -10.94
C PHE A 11 -0.71 15.26 -12.20
N ASN A 12 0.26 16.17 -12.17
CA ASN A 12 1.11 16.43 -13.32
C ASN A 12 2.09 15.28 -13.52
N ASN A 13 1.98 14.59 -14.66
CA ASN A 13 2.84 13.46 -14.98
C ASN A 13 3.14 13.48 -16.47
N LYS A 14 4.37 13.84 -16.82
CA LYS A 14 4.80 13.92 -18.20
C LYS A 14 5.40 12.59 -18.65
N ARG A 15 5.68 12.49 -19.95
CA ARG A 15 6.35 11.30 -20.48
C ARG A 15 7.72 11.12 -19.82
N ARG A 16 8.52 12.19 -19.81
CA ARG A 16 9.76 12.24 -19.04
C ARG A 16 9.54 13.23 -17.90
N LEU A 17 9.59 12.73 -16.68
CA LEU A 17 9.13 13.48 -15.52
C LEU A 17 10.19 14.50 -15.08
N ARG A 18 10.01 15.06 -13.89
CA ARG A 18 10.81 16.18 -13.42
C ARG A 18 12.17 15.70 -12.93
N ARG A 19 12.90 16.58 -12.25
CA ARG A 19 14.28 16.27 -11.86
C ARG A 19 14.36 15.16 -10.82
N PRO A 20 13.58 15.17 -9.73
CA PRO A 20 13.53 13.99 -8.88
C PRO A 20 12.91 12.81 -9.61
N TYR A 21 13.45 11.62 -9.36
CA TYR A 21 13.09 10.44 -10.13
C TYR A 21 12.00 9.64 -9.42
N TYR A 22 10.90 9.40 -10.14
CA TYR A 22 9.67 8.72 -9.74
C TYR A 22 9.20 9.04 -8.32
N PRO A 23 9.09 10.32 -7.93
CA PRO A 23 8.47 10.61 -6.62
C PRO A 23 6.98 10.83 -6.78
N ARG A 24 6.26 9.77 -7.15
CA ARG A 24 4.86 9.86 -7.52
C ARG A 24 4.04 8.81 -6.79
N LYS A 25 2.87 9.21 -6.33
CA LYS A 25 1.92 8.31 -5.68
C LYS A 25 0.54 8.50 -6.29
N ALA A 26 -0.38 7.62 -5.92
CA ALA A 26 -1.72 7.59 -6.50
C ALA A 26 -2.73 8.29 -5.61
N LEU A 27 -3.57 9.12 -6.22
CA LEU A 27 -4.64 9.83 -5.53
C LEU A 27 -5.95 9.60 -6.25
N LEU A 28 -7.05 9.76 -5.51
CA LEU A 28 -8.39 9.69 -6.06
C LEU A 28 -9.20 10.85 -5.49
N CYS A 29 -10.15 11.35 -6.26
CA CYS A 29 -10.98 12.47 -5.83
C CYS A 29 -12.43 12.18 -6.22
N TYR A 30 -13.22 11.74 -5.25
CA TYR A 30 -14.63 11.45 -5.49
C TYR A 30 -15.47 12.69 -5.22
N GLN A 31 -16.40 12.97 -6.14
CA GLN A 31 -17.32 14.11 -6.07
C GLN A 31 -18.73 13.55 -6.20
N LEU A 32 -19.32 13.18 -5.07
CA LEU A 32 -20.69 12.66 -5.07
C LEU A 32 -21.65 13.84 -5.17
N THR A 33 -22.53 13.81 -6.17
CA THR A 33 -23.46 14.91 -6.43
C THR A 33 -24.89 14.40 -6.32
N PRO A 34 -25.45 14.31 -5.10
CA PRO A 34 -26.87 14.03 -4.96
C PRO A 34 -27.72 15.18 -5.47
N GLN A 35 -28.40 14.95 -6.61
CA GLN A 35 -29.22 15.94 -7.27
C GLN A 35 -30.64 16.02 -6.69
N ASN A 36 -30.99 15.14 -5.76
CA ASN A 36 -32.31 15.18 -5.15
C ASN A 36 -32.56 16.52 -4.46
N GLY A 37 -31.73 16.86 -3.48
CA GLY A 37 -31.82 18.15 -2.83
C GLY A 37 -30.59 18.99 -3.08
N SER A 38 -29.80 18.61 -4.08
CA SER A 38 -28.55 19.29 -4.43
C SER A 38 -27.64 19.38 -3.21
N THR A 39 -27.24 18.20 -2.71
CA THR A 39 -26.48 18.08 -1.47
C THR A 39 -25.16 17.35 -1.77
N PRO A 40 -24.19 18.04 -2.36
CA PRO A 40 -22.97 17.37 -2.81
C PRO A 40 -21.98 17.14 -1.67
N THR A 41 -21.26 16.03 -1.78
CA THR A 41 -20.14 15.71 -0.90
C THR A 41 -18.89 15.49 -1.74
N ARG A 42 -17.73 15.78 -1.15
CA ARG A 42 -16.47 15.70 -1.86
C ARG A 42 -15.44 15.02 -0.96
N GLY A 43 -14.42 14.44 -1.59
CA GLY A 43 -13.35 13.86 -0.81
C GLY A 43 -12.18 13.35 -1.63
N TYR A 44 -10.98 13.39 -1.05
CA TYR A 44 -9.80 12.80 -1.66
C TYR A 44 -9.37 11.58 -0.87
N PHE A 45 -8.84 10.60 -1.59
CA PHE A 45 -8.34 9.36 -1.01
C PHE A 45 -6.95 9.10 -1.57
N GLU A 46 -5.94 9.19 -0.71
CA GLU A 46 -4.60 8.75 -1.09
C GLU A 46 -4.57 7.23 -1.18
N ASN A 47 -3.63 6.72 -1.98
CA ASN A 47 -3.45 5.27 -2.05
C ASN A 47 -2.87 4.81 -0.71
N LYS A 48 -3.74 4.25 0.13
CA LYS A 48 -3.39 4.01 1.53
C LYS A 48 -2.59 2.71 1.63
N LYS A 49 -2.43 2.21 2.86
CA LYS A 49 -1.58 1.06 3.16
C LYS A 49 -2.19 -0.18 2.52
N GLU A 50 -1.57 -0.64 1.43
CA GLU A 50 -1.97 -1.83 0.67
C GLU A 50 -3.48 -1.92 0.47
N CYS A 51 -4.11 -0.79 0.16
CA CYS A 51 -5.54 -0.75 -0.16
C CYS A 51 -5.73 0.42 -1.11
N HIS A 52 -5.86 0.11 -2.40
CA HIS A 52 -5.91 1.16 -3.42
C HIS A 52 -7.09 2.09 -3.16
N ALA A 53 -6.89 3.37 -3.50
CA ALA A 53 -7.87 4.41 -3.21
C ALA A 53 -9.25 4.09 -3.77
N ALA A 54 -9.34 3.25 -4.79
CA ALA A 54 -10.65 2.81 -5.29
C ALA A 54 -11.37 1.98 -4.24
N ILE A 55 -10.68 1.02 -3.63
CA ILE A 55 -11.28 0.19 -2.59
C ILE A 55 -11.57 1.02 -1.35
N CYS A 56 -10.67 1.94 -1.01
CA CYS A 56 -10.90 2.83 0.14
C CYS A 56 -12.14 3.69 -0.08
N PHE A 57 -12.29 4.26 -1.28
CA PHE A 57 -13.47 5.08 -1.56
C PHE A 57 -14.73 4.24 -1.65
N ILE A 58 -14.62 3.01 -2.14
CA ILE A 58 -15.77 2.10 -2.14
C ILE A 58 -16.23 1.84 -0.71
N ASN A 59 -15.30 1.52 0.18
CA ASN A 59 -15.65 1.29 1.57
C ASN A 59 -16.15 2.55 2.25
N GLU A 60 -15.68 3.72 1.81
CA GLU A 60 -16.18 4.98 2.36
C GLU A 60 -17.65 5.19 1.97
N ILE A 61 -17.96 5.03 0.68
CA ILE A 61 -19.35 5.09 0.24
C ILE A 61 -20.19 4.04 0.94
N LYS A 62 -19.61 2.88 1.23
CA LYS A 62 -20.33 1.80 1.90
C LYS A 62 -20.68 2.18 3.33
N SER A 63 -19.68 2.59 4.12
CA SER A 63 -19.85 2.86 5.54
C SER A 63 -20.27 4.30 5.83
N MET A 64 -20.57 5.10 4.81
CA MET A 64 -21.04 6.46 5.06
C MET A 64 -22.54 6.56 5.18
N GLY A 65 -23.29 5.61 4.61
CA GLY A 65 -24.73 5.66 4.66
C GLY A 65 -25.35 6.15 3.36
N LEU A 66 -25.83 5.22 2.54
CA LEU A 66 -26.42 5.57 1.26
C LEU A 66 -27.93 5.76 1.40
N ASP A 67 -28.54 6.31 0.35
CA ASP A 67 -29.98 6.49 0.27
C ASP A 67 -30.45 5.83 -1.01
N GLU A 68 -31.12 4.68 -0.88
CA GLU A 68 -31.49 3.84 -2.02
C GLU A 68 -32.59 4.44 -2.89
N THR A 69 -33.05 5.67 -2.61
CA THR A 69 -34.17 6.24 -3.35
C THR A 69 -33.71 6.92 -4.64
N GLN A 70 -32.84 7.91 -4.52
CA GLN A 70 -32.47 8.77 -5.65
C GLN A 70 -31.19 8.26 -6.32
N CYS A 71 -30.91 8.85 -7.49
CA CYS A 71 -29.72 8.52 -8.26
C CYS A 71 -28.63 9.56 -8.01
N TYR A 72 -27.38 9.14 -8.16
CA TYR A 72 -26.23 9.99 -7.92
C TYR A 72 -25.31 9.95 -9.13
N GLN A 73 -25.03 11.12 -9.70
CA GLN A 73 -24.06 11.26 -10.78
C GLN A 73 -22.73 11.66 -10.13
N VAL A 74 -21.91 10.67 -9.84
CA VAL A 74 -20.65 10.88 -9.14
C VAL A 74 -19.53 10.98 -10.18
N THR A 75 -18.78 12.08 -10.13
CA THR A 75 -17.57 12.23 -10.92
C THR A 75 -16.36 11.90 -10.05
N CYS A 76 -15.30 11.42 -10.70
CA CYS A 76 -14.11 10.99 -9.98
C CYS A 76 -12.88 11.33 -10.81
N TYR A 77 -12.16 12.37 -10.39
CA TYR A 77 -10.92 12.79 -11.02
C TYR A 77 -9.75 12.21 -10.24
N LEU A 78 -9.07 11.22 -10.82
CA LEU A 78 -7.99 10.53 -10.14
C LEU A 78 -6.68 10.75 -10.90
N THR A 79 -5.58 10.76 -10.14
CA THR A 79 -4.27 11.00 -10.73
C THR A 79 -3.86 9.84 -11.65
N TRP A 80 -3.72 8.65 -11.09
CA TRP A 80 -3.27 7.47 -11.80
C TRP A 80 -4.45 6.54 -12.02
N SER A 81 -4.63 6.07 -13.26
CA SER A 81 -5.72 5.21 -13.69
C SER A 81 -5.81 3.98 -12.80
N PRO A 82 -7.01 3.48 -12.50
CA PRO A 82 -7.11 2.29 -11.64
C PRO A 82 -6.57 1.06 -12.33
N CYS A 83 -6.13 0.11 -11.52
CA CYS A 83 -5.54 -1.12 -12.04
C CYS A 83 -6.65 -2.09 -12.42
N SER A 84 -6.29 -3.33 -12.72
CA SER A 84 -7.26 -4.29 -13.23
C SER A 84 -8.22 -4.74 -12.14
N SER A 85 -7.71 -5.19 -11.00
CA SER A 85 -8.55 -5.80 -9.98
C SER A 85 -9.53 -4.79 -9.37
N CYS A 86 -9.04 -3.61 -9.02
CA CYS A 86 -9.92 -2.61 -8.41
C CYS A 86 -10.95 -2.11 -9.40
N ALA A 87 -10.65 -2.12 -10.70
CA ALA A 87 -11.67 -1.75 -11.68
C ALA A 87 -12.80 -2.77 -11.69
N TRP A 88 -12.48 -4.06 -11.54
CA TRP A 88 -13.53 -5.07 -11.49
C TRP A 88 -14.31 -5.00 -10.18
N GLU A 89 -13.63 -4.71 -9.07
CA GLU A 89 -14.34 -4.45 -7.83
C GLU A 89 -15.28 -3.25 -7.98
N LEU A 90 -14.83 -2.22 -8.69
CA LEU A 90 -15.64 -1.03 -8.93
C LEU A 90 -16.88 -1.37 -9.75
N VAL A 91 -16.71 -2.14 -10.82
CA VAL A 91 -17.85 -2.46 -11.67
C VAL A 91 -18.80 -3.42 -10.97
N ASP A 92 -18.29 -4.28 -10.09
CA ASP A 92 -19.17 -5.14 -9.31
C ASP A 92 -19.93 -4.36 -8.25
N PHE A 93 -19.31 -3.32 -7.69
CA PHE A 93 -20.02 -2.46 -6.76
C PHE A 93 -21.02 -1.57 -7.47
N ILE A 94 -20.78 -1.24 -8.73
CA ILE A 94 -21.70 -0.40 -9.48
C ILE A 94 -22.87 -1.23 -10.02
N LYS A 95 -22.65 -2.51 -10.31
CA LYS A 95 -23.76 -3.36 -10.76
C LYS A 95 -24.78 -3.59 -9.67
N ALA A 96 -24.36 -3.54 -8.40
CA ALA A 96 -25.27 -3.74 -7.29
C ALA A 96 -26.05 -2.49 -6.91
N HIS A 97 -25.67 -1.33 -7.44
CA HIS A 97 -26.34 -0.06 -7.17
C HIS A 97 -26.74 0.55 -8.51
N ASP A 98 -27.98 0.28 -8.93
CA ASP A 98 -28.48 0.84 -10.19
C ASP A 98 -28.76 2.33 -10.08
N HIS A 99 -28.86 2.86 -8.87
CA HIS A 99 -29.09 4.29 -8.65
C HIS A 99 -27.81 5.11 -8.68
N LEU A 100 -26.70 4.53 -9.14
CA LEU A 100 -25.41 5.21 -9.22
C LEU A 100 -24.94 5.28 -10.66
N ASN A 101 -24.45 6.44 -11.07
CA ASN A 101 -23.82 6.62 -12.38
C ASN A 101 -22.50 7.34 -12.16
N LEU A 102 -21.41 6.72 -12.58
CA LEU A 102 -20.07 7.18 -12.28
C LEU A 102 -19.35 7.60 -13.56
N ARG A 103 -18.63 8.71 -13.47
CA ARG A 103 -17.71 9.15 -14.51
C ARG A 103 -16.30 9.13 -13.95
N ILE A 104 -15.38 8.54 -14.70
CA ILE A 104 -13.99 8.37 -14.27
C ILE A 104 -13.11 9.19 -15.22
N PHE A 105 -12.35 10.12 -14.66
CA PHE A 105 -11.40 10.91 -15.43
C PHE A 105 -10.03 10.81 -14.76
N ALA A 106 -9.09 10.20 -15.45
CA ALA A 106 -7.74 10.00 -14.94
C ALA A 106 -6.79 11.05 -15.52
N SER A 107 -5.68 11.25 -14.82
CA SER A 107 -4.64 12.17 -15.29
C SER A 107 -3.60 11.44 -16.15
N ARG A 108 -3.12 10.31 -15.68
CA ARG A 108 -2.16 9.49 -16.41
C ARG A 108 -2.67 8.05 -16.48
N LEU A 109 -2.41 7.39 -17.61
CA LEU A 109 -2.77 5.99 -17.78
C LEU A 109 -1.73 5.14 -17.06
N TYR A 110 -1.95 4.94 -15.76
CA TYR A 110 -1.06 4.13 -14.94
C TYR A 110 -1.42 2.66 -15.06
N TYR A 111 -0.48 1.86 -15.52
CA TYR A 111 -0.62 0.41 -15.53
C TYR A 111 0.76 -0.21 -15.71
N HIS A 112 0.82 -1.52 -15.56
CA HIS A 112 2.09 -2.23 -15.69
C HIS A 112 2.41 -2.57 -17.14
N TRP A 113 1.71 -1.96 -18.08
CA TRP A 113 1.98 -2.07 -19.52
C TRP A 113 1.90 -3.51 -20.01
N CYS A 114 1.25 -4.37 -19.23
CA CYS A 114 0.95 -5.73 -19.62
C CYS A 114 -0.50 -5.82 -20.10
N LYS A 115 -0.98 -7.04 -20.31
CA LYS A 115 -2.30 -7.31 -20.85
C LYS A 115 -3.47 -7.11 -19.87
N PRO A 116 -3.36 -7.52 -18.60
CA PRO A 116 -4.55 -7.47 -17.73
C PRO A 116 -5.13 -6.09 -17.53
N GLN A 117 -4.29 -5.08 -17.30
CA GLN A 117 -4.81 -3.72 -17.08
C GLN A 117 -5.22 -3.03 -18.37
N GLN A 118 -5.14 -3.71 -19.52
CA GLN A 118 -5.64 -3.14 -20.76
C GLN A 118 -7.15 -3.27 -20.85
N ASP A 119 -7.66 -4.51 -20.78
CA ASP A 119 -9.09 -4.75 -20.75
C ASP A 119 -9.69 -4.54 -19.37
N GLY A 120 -8.87 -4.36 -18.34
CA GLY A 120 -9.40 -4.09 -17.02
C GLY A 120 -10.18 -2.80 -16.93
N LEU A 121 -9.82 -1.82 -17.77
CA LEU A 121 -10.53 -0.56 -17.86
C LEU A 121 -11.29 -0.39 -19.17
N ARG A 122 -11.21 -1.39 -20.06
CA ARG A 122 -12.00 -1.34 -21.29
C ARG A 122 -13.44 -1.75 -21.05
N LEU A 123 -13.70 -2.58 -20.05
CA LEU A 123 -15.08 -2.94 -19.71
C LEU A 123 -15.83 -1.77 -19.11
N LEU A 124 -15.13 -0.88 -18.39
CA LEU A 124 -15.78 0.28 -17.79
C LEU A 124 -16.35 1.19 -18.87
N CYS A 125 -15.50 1.66 -19.79
CA CYS A 125 -15.92 2.58 -20.83
C CYS A 125 -16.88 1.96 -21.84
N GLY A 126 -17.22 0.69 -21.69
CA GLY A 126 -18.13 0.03 -22.61
C GLY A 126 -19.39 -0.50 -21.97
N SER A 127 -19.40 -0.62 -20.65
CA SER A 127 -20.53 -1.19 -19.93
C SER A 127 -21.24 -0.18 -19.04
N GLN A 128 -20.55 0.43 -18.10
CA GLN A 128 -21.24 1.30 -17.14
C GLN A 128 -20.64 2.68 -17.01
N VAL A 129 -19.32 2.81 -17.02
CA VAL A 129 -18.66 4.06 -16.65
C VAL A 129 -17.89 4.64 -17.83
N PRO A 130 -18.29 5.79 -18.37
CA PRO A 130 -17.50 6.40 -19.45
C PRO A 130 -16.15 6.89 -18.94
N VAL A 131 -15.09 6.20 -19.33
CA VAL A 131 -13.75 6.46 -18.82
C VAL A 131 -12.94 7.14 -19.91
N GLU A 132 -12.53 8.38 -19.64
CA GLU A 132 -11.62 9.11 -20.51
C GLU A 132 -10.60 9.83 -19.64
N VAL A 133 -9.45 10.12 -20.23
CA VAL A 133 -8.39 10.79 -19.49
C VAL A 133 -8.75 12.28 -19.35
N MET A 134 -8.10 12.93 -18.39
CA MET A 134 -8.43 14.32 -18.11
C MET A 134 -8.02 15.22 -19.27
N GLY A 135 -8.69 16.36 -19.36
CA GLY A 135 -8.34 17.40 -20.31
C GLY A 135 -8.07 18.70 -19.60
N PHE A 136 -8.58 19.81 -20.15
CA PHE A 136 -8.44 21.10 -19.49
C PHE A 136 -9.46 21.29 -18.36
N PRO A 137 -10.79 21.12 -18.62
CA PRO A 137 -11.76 21.42 -17.56
C PRO A 137 -11.68 20.52 -16.33
N GLU A 138 -11.58 19.20 -16.53
CA GLU A 138 -11.58 18.30 -15.38
C GLU A 138 -10.37 18.53 -14.47
N PHE A 139 -9.23 18.92 -15.05
CA PHE A 139 -8.13 19.41 -14.22
C PHE A 139 -8.52 20.72 -13.54
N ALA A 140 -9.02 21.69 -14.33
CA ALA A 140 -9.44 22.96 -13.74
C ALA A 140 -10.55 22.75 -12.73
N ASP A 141 -11.43 21.77 -12.95
CA ASP A 141 -12.44 21.43 -11.96
C ASP A 141 -11.79 20.90 -10.69
N CYS A 142 -11.00 19.83 -10.81
CA CYS A 142 -10.34 19.23 -9.66
C CYS A 142 -9.35 20.16 -9.00
N TRP A 143 -8.83 21.16 -9.74
CA TRP A 143 -7.82 22.06 -9.19
C TRP A 143 -8.37 22.86 -8.01
N GLU A 144 -9.40 23.67 -8.26
CA GLU A 144 -9.94 24.52 -7.20
C GLU A 144 -10.95 23.81 -6.32
N ASN A 145 -11.61 22.76 -6.82
CA ASN A 145 -12.59 22.05 -6.00
C ASN A 145 -11.91 21.26 -4.89
N PHE A 146 -11.06 20.30 -5.26
CA PHE A 146 -10.46 19.41 -4.28
C PHE A 146 -9.24 20.04 -3.61
N VAL A 147 -8.26 20.46 -4.42
CA VAL A 147 -7.09 21.13 -3.86
C VAL A 147 -7.50 22.50 -3.36
N ASP A 148 -7.11 22.82 -2.12
CA ASP A 148 -7.53 24.07 -1.50
C ASP A 148 -6.97 25.27 -2.27
N HIS A 149 -7.87 26.14 -2.71
CA HIS A 149 -7.52 27.35 -3.47
C HIS A 149 -7.53 28.58 -2.57
N GLU A 150 -7.07 28.43 -1.33
CA GLU A 150 -7.17 29.49 -0.32
C GLU A 150 -6.11 30.55 -0.58
N LYS A 151 -5.92 31.44 0.42
CA LYS A 151 -5.09 32.64 0.35
C LYS A 151 -3.71 32.39 -0.28
N PRO A 152 -2.90 31.45 0.22
CA PRO A 152 -1.55 31.30 -0.33
C PRO A 152 -1.57 30.58 -1.68
N LEU A 153 -0.43 30.65 -2.36
CA LEU A 153 -0.27 30.00 -3.66
C LEU A 153 1.16 29.53 -3.78
N SER A 154 1.36 28.21 -3.89
CA SER A 154 2.69 27.63 -3.92
C SER A 154 3.27 27.62 -5.33
N PHE A 155 3.44 28.84 -5.86
CA PHE A 155 4.09 29.11 -7.15
C PHE A 155 3.68 28.09 -8.23
N ASN A 156 2.37 27.87 -8.36
CA ASN A 156 1.82 27.05 -9.44
C ASN A 156 0.54 27.69 -9.95
N PRO A 157 0.61 28.96 -10.42
CA PRO A 157 -0.61 29.63 -10.87
C PRO A 157 -1.16 29.06 -12.17
N TYR A 158 -0.32 28.97 -13.20
CA TYR A 158 -0.74 28.44 -14.49
C TYR A 158 0.33 27.57 -15.14
N LYS A 159 1.35 27.15 -14.40
CA LYS A 159 2.35 26.24 -14.96
C LYS A 159 1.70 24.95 -15.45
N MET A 160 0.61 24.53 -14.83
CA MET A 160 -0.10 23.34 -15.29
C MET A 160 -0.69 23.54 -16.68
N LEU A 161 -1.07 24.78 -17.02
CA LEU A 161 -1.75 25.04 -18.29
C LEU A 161 -0.99 24.45 -19.48
N GLU A 162 0.33 24.53 -19.47
CA GLU A 162 1.11 23.90 -20.53
C GLU A 162 1.29 22.40 -20.27
N GLU A 163 1.47 22.02 -19.00
CA GLU A 163 1.65 20.60 -18.69
C GLU A 163 0.33 19.84 -18.78
N LEU A 164 -0.76 20.46 -18.32
CA LEU A 164 -2.08 19.87 -18.55
C LEU A 164 -2.35 19.70 -20.04
N ASP A 165 -1.89 20.65 -20.85
CA ASP A 165 -2.14 20.57 -22.29
C ASP A 165 -1.30 19.47 -22.93
N LYS A 166 -0.04 19.32 -22.50
CA LYS A 166 0.78 18.22 -22.98
C LYS A 166 0.17 16.88 -22.59
N ASN A 167 -0.20 16.73 -21.31
CA ASN A 167 -0.81 15.49 -20.85
C ASN A 167 -2.08 15.18 -21.63
N SER A 168 -2.94 16.18 -21.84
CA SER A 168 -4.12 15.97 -22.66
C SER A 168 -3.73 15.50 -24.05
N ARG A 169 -3.03 16.35 -24.80
CA ARG A 169 -2.62 16.07 -26.18
C ARG A 169 -2.08 14.66 -26.36
N ALA A 170 -1.26 14.18 -25.43
CA ALA A 170 -0.68 12.85 -25.58
C ALA A 170 -1.62 11.76 -25.06
N ILE A 171 -1.93 11.78 -23.77
CA ILE A 171 -2.59 10.65 -23.13
C ILE A 171 -4.06 10.54 -23.51
N LYS A 172 -4.70 11.64 -23.92
CA LYS A 172 -6.09 11.53 -24.36
C LYS A 172 -6.19 10.81 -25.70
N ARG A 173 -5.28 11.12 -26.63
CA ARG A 173 -5.21 10.35 -27.87
C ARG A 173 -4.84 8.90 -27.58
N ARG A 174 -3.93 8.69 -26.62
CA ARG A 174 -3.58 7.32 -26.22
C ARG A 174 -4.81 6.56 -25.73
N LEU A 175 -5.58 7.17 -24.82
CA LEU A 175 -6.76 6.52 -24.28
C LEU A 175 -7.84 6.34 -25.32
N ASP A 176 -7.96 7.26 -26.27
CA ASP A 176 -8.92 7.09 -27.35
C ASP A 176 -8.54 5.92 -28.25
N ARG A 177 -7.26 5.80 -28.59
CA ARG A 177 -6.81 4.65 -29.37
C ARG A 177 -6.96 3.35 -28.59
N ILE A 178 -6.92 3.43 -27.26
CA ILE A 178 -7.15 2.24 -26.44
C ILE A 178 -8.63 1.86 -26.48
N LYS A 179 -9.52 2.83 -26.28
CA LYS A 179 -10.95 2.56 -26.31
C LYS A 179 -11.41 2.07 -27.68
N GLN A 180 -10.77 2.54 -28.75
CA GLN A 180 -11.12 2.11 -30.09
C GLN A 180 -10.55 0.73 -30.38
N ASN D 1 -22.05 33.27 -32.23
CA ASN D 1 -21.18 33.73 -31.17
C ASN D 1 -20.01 32.77 -30.96
N MET D 2 -20.33 31.49 -30.79
CA MET D 2 -19.30 30.48 -30.58
C MET D 2 -18.43 30.26 -31.81
N ALA D 3 -18.93 30.60 -32.99
CA ALA D 3 -18.15 30.40 -34.22
C ALA D 3 -17.08 31.46 -34.40
N ILE D 4 -17.27 32.65 -33.82
CA ILE D 4 -16.31 33.74 -33.95
C ILE D 4 -15.47 33.85 -32.68
N ILE D 5 -16.06 33.44 -31.55
CA ILE D 5 -15.36 33.47 -30.27
C ILE D 5 -14.90 32.03 -30.02
N LYS D 6 -13.68 31.73 -30.44
CA LYS D 6 -13.12 30.40 -30.25
C LYS D 6 -12.78 30.15 -28.78
N GLU D 7 -12.56 28.89 -28.44
CA GLU D 7 -12.25 28.51 -27.07
C GLU D 7 -10.90 29.02 -26.62
N PHE D 8 -10.05 29.49 -27.53
CA PHE D 8 -8.76 30.09 -27.19
C PHE D 8 -8.62 31.38 -27.98
N MET D 9 -8.47 32.50 -27.27
CA MET D 9 -8.40 33.81 -27.90
C MET D 9 -7.36 34.66 -27.19
N ARG D 10 -6.69 35.50 -27.97
CA ARG D 10 -5.70 36.44 -27.46
C ARG D 10 -6.24 37.86 -27.55
N PHE D 11 -5.57 38.78 -26.86
CA PHE D 11 -5.96 40.18 -26.90
C PHE D 11 -4.74 41.06 -26.76
N LYS D 12 -4.88 42.31 -27.20
CA LYS D 12 -3.88 43.35 -27.04
C LYS D 12 -4.51 44.54 -26.33
N VAL D 13 -3.78 45.12 -25.40
CA VAL D 13 -4.31 46.18 -24.54
C VAL D 13 -3.32 47.35 -24.49
N HIS D 14 -3.85 48.56 -24.63
CA HIS D 14 -3.08 49.79 -24.54
C HIS D 14 -3.75 50.68 -23.50
N MET D 15 -3.01 51.03 -22.45
CA MET D 15 -3.54 51.85 -21.37
C MET D 15 -2.71 53.11 -21.23
N GLU D 16 -3.38 54.25 -21.18
CA GLU D 16 -2.75 55.53 -20.84
C GLU D 16 -3.29 55.99 -19.50
N GLY D 17 -2.38 56.27 -18.56
CA GLY D 17 -2.79 56.58 -17.21
C GLY D 17 -2.01 57.75 -16.65
N SER D 18 -2.57 58.35 -15.61
CA SER D 18 -1.93 59.45 -14.89
C SER D 18 -2.32 59.34 -13.43
N VAL D 19 -1.36 59.02 -12.58
CA VAL D 19 -1.60 58.84 -11.14
C VAL D 19 -0.85 59.95 -10.40
N ASN D 20 -1.60 60.81 -9.71
CA ASN D 20 -1.03 61.91 -8.93
C ASN D 20 -0.12 62.78 -9.79
N GLY D 21 -0.52 62.99 -11.04
CA GLY D 21 0.25 63.79 -11.97
C GLY D 21 1.32 63.04 -12.73
N HIS D 22 1.68 61.83 -12.30
CA HIS D 22 2.70 61.04 -12.99
C HIS D 22 2.03 60.27 -14.13
N GLU D 23 2.40 60.60 -15.36
CA GLU D 23 1.81 59.98 -16.53
C GLU D 23 2.60 58.75 -16.96
N PHE D 24 1.91 57.80 -17.57
CA PHE D 24 2.52 56.54 -17.96
C PHE D 24 1.64 55.85 -19.00
N GLU D 25 2.24 54.87 -19.67
CA GLU D 25 1.54 54.04 -20.65
C GLU D 25 1.96 52.59 -20.45
N ILE D 26 1.03 51.68 -20.74
CA ILE D 26 1.23 50.25 -20.54
C ILE D 26 0.72 49.50 -21.77
N GLU D 27 1.54 48.62 -22.33
CA GLU D 27 1.18 47.80 -23.46
C GLU D 27 1.20 46.33 -23.04
N GLY D 28 0.19 45.57 -23.41
CA GLY D 28 0.09 44.20 -22.96
C GLY D 28 -0.54 43.28 -23.99
N GLU D 29 -0.17 42.00 -23.91
CA GLU D 29 -0.77 40.94 -24.70
C GLU D 29 -1.12 39.80 -23.75
N GLY D 30 -2.25 39.13 -24.02
CA GLY D 30 -2.71 38.06 -23.17
C GLY D 30 -3.36 36.95 -23.98
N GLU D 31 -3.75 35.89 -23.26
CA GLU D 31 -4.37 34.72 -23.87
C GLU D 31 -5.12 33.96 -22.79
N GLY D 32 -6.18 33.27 -23.20
CA GLY D 32 -6.95 32.50 -22.25
C GLY D 32 -8.10 31.77 -22.93
N ARG D 33 -8.98 31.22 -22.11
CA ARG D 33 -10.14 30.48 -22.58
C ARG D 33 -11.40 31.13 -22.03
N PRO D 34 -12.19 31.83 -22.86
CA PRO D 34 -13.34 32.57 -22.33
C PRO D 34 -14.43 31.69 -21.76
N TYR D 35 -14.62 30.48 -22.30
CA TYR D 35 -15.69 29.61 -21.83
C TYR D 35 -15.29 28.80 -20.61
N GLU D 36 -14.01 28.75 -20.26
CA GLU D 36 -13.55 28.07 -19.06
C GLU D 36 -13.18 29.03 -17.94
N GLY D 37 -13.19 30.34 -18.19
CA GLY D 37 -12.99 31.31 -17.14
C GLY D 37 -11.57 31.47 -16.65
N THR D 38 -10.59 31.16 -17.49
CA THR D 38 -9.18 31.31 -17.15
C THR D 38 -8.51 32.23 -18.16
N GLN D 39 -7.65 33.12 -17.67
CA GLN D 39 -6.91 33.99 -18.58
C GLN D 39 -5.58 34.39 -17.96
N THR D 40 -4.60 34.66 -18.81
CA THR D 40 -3.30 35.16 -18.40
C THR D 40 -2.93 36.36 -19.28
N ALA D 41 -2.22 37.31 -18.69
CA ALA D 41 -1.86 38.53 -19.38
C ALA D 41 -0.44 38.95 -19.01
N LYS D 42 0.29 39.45 -20.01
CA LYS D 42 1.65 39.95 -19.82
C LYS D 42 1.67 41.43 -20.15
N LEU D 43 2.16 42.25 -19.20
CA LEU D 43 2.16 43.70 -19.36
C LEU D 43 3.59 44.22 -19.40
N LYS D 44 3.74 45.38 -20.04
CA LYS D 44 5.02 46.07 -20.13
C LYS D 44 4.79 47.57 -20.00
N VAL D 45 5.56 48.20 -19.13
CA VAL D 45 5.50 49.66 -18.97
C VAL D 45 6.35 50.30 -20.06
N THR D 46 5.76 51.23 -20.81
CA THR D 46 6.45 51.90 -21.90
C THR D 46 6.86 53.33 -21.58
N LYS D 47 6.24 53.97 -20.60
CA LYS D 47 6.55 55.34 -20.22
C LYS D 47 6.54 55.47 -18.71
N GLY D 48 7.49 56.23 -18.18
CA GLY D 48 7.55 56.48 -16.76
C GLY D 48 8.19 55.38 -15.93
N GLY D 49 8.91 54.47 -16.57
CA GLY D 49 9.56 53.37 -15.87
C GLY D 49 10.94 53.72 -15.36
N LEU D 51 6.92 52.37 -12.13
CA LEU D 51 5.75 53.04 -11.55
C LEU D 51 5.96 53.34 -10.08
N PRO D 52 5.68 54.57 -9.68
CA PRO D 52 5.86 54.97 -8.28
C PRO D 52 4.71 54.60 -7.36
N PHE D 53 3.81 53.73 -7.78
CA PHE D 53 2.66 53.33 -6.98
C PHE D 53 2.47 51.83 -7.08
N ALA D 54 1.55 51.30 -6.28
CA ALA D 54 1.29 49.88 -6.25
C ALA D 54 0.63 49.41 -7.53
N TRP D 55 1.12 48.30 -8.08
CA TRP D 55 0.54 47.72 -9.29
C TRP D 55 -0.84 47.10 -9.03
N ASP D 56 -1.14 46.74 -7.78
CA ASP D 56 -2.38 46.04 -7.47
C ASP D 56 -3.62 46.86 -7.82
N ILE D 57 -3.51 48.19 -7.89
CA ILE D 57 -4.65 49.01 -8.25
C ILE D 57 -5.00 48.92 -9.72
N LEU D 58 -4.12 48.34 -10.54
CA LEU D 58 -4.37 48.19 -11.97
C LEU D 58 -4.90 46.81 -12.34
N SER D 59 -4.73 45.82 -11.47
CA SER D 59 -5.12 44.44 -11.75
C SER D 59 -6.63 44.24 -11.90
N PRO D 60 -7.49 44.86 -11.07
CA PRO D 60 -8.94 44.62 -11.23
C PRO D 60 -9.54 45.21 -12.50
N GLN D 61 -8.74 45.86 -13.35
CA GLN D 61 -9.24 46.48 -14.56
C GLN D 61 -9.17 45.57 -15.78
N PHE D 62 -8.60 44.38 -15.64
CA PHE D 62 -8.51 43.44 -16.75
C PHE D 62 -9.61 42.39 -16.67
N LYS D 67 -12.87 41.48 -18.42
CA LYS D 67 -14.07 40.86 -17.84
C LYS D 67 -14.77 39.97 -18.87
N ALA D 68 -14.26 39.95 -20.09
CA ALA D 68 -14.80 39.12 -21.15
C ALA D 68 -14.42 37.65 -21.01
N TYR D 69 -13.72 37.28 -19.95
CA TYR D 69 -13.24 35.92 -19.73
C TYR D 69 -13.88 35.30 -18.49
N VAL D 70 -15.18 35.51 -18.32
CA VAL D 70 -15.93 34.97 -17.20
C VAL D 70 -16.71 33.74 -17.68
N LYS D 71 -16.58 32.64 -16.95
CA LYS D 71 -17.26 31.41 -17.32
C LYS D 71 -18.75 31.52 -16.99
N HIS D 72 -19.59 31.27 -17.99
CA HIS D 72 -21.03 31.31 -17.83
C HIS D 72 -21.65 29.95 -18.18
N PRO D 73 -22.58 29.46 -17.38
CA PRO D 73 -23.27 28.22 -17.73
C PRO D 73 -24.05 28.37 -19.03
N ALA D 74 -24.32 27.22 -19.67
CA ALA D 74 -24.98 27.23 -20.97
C ALA D 74 -26.40 27.78 -20.88
N ASP D 75 -27.08 27.57 -19.75
CA ASP D 75 -28.44 28.05 -19.58
C ASP D 75 -28.52 29.46 -19.01
N ILE D 76 -27.39 30.15 -18.91
CA ILE D 76 -27.34 31.54 -18.46
C ILE D 76 -26.81 32.37 -19.62
N PRO D 77 -27.56 33.37 -20.10
CA PRO D 77 -27.08 34.18 -21.22
C PRO D 77 -25.79 34.92 -20.87
N ASP D 78 -24.77 34.73 -21.70
CA ASP D 78 -23.47 35.37 -21.50
C ASP D 78 -23.55 36.77 -22.10
N TYR D 79 -23.94 37.74 -21.26
CA TYR D 79 -24.15 39.10 -21.73
C TYR D 79 -22.88 39.70 -22.32
N LEU D 80 -21.73 39.43 -21.70
CA LEU D 80 -20.48 40.06 -22.14
C LEU D 80 -19.94 39.43 -23.42
N LYS D 81 -20.16 38.13 -23.62
CA LYS D 81 -19.67 37.49 -24.84
C LYS D 81 -20.47 37.93 -26.06
N LEU D 82 -21.78 38.13 -25.90
CA LEU D 82 -22.63 38.47 -27.04
C LEU D 82 -22.36 39.88 -27.56
N SER D 83 -21.66 40.72 -26.80
CA SER D 83 -21.40 42.08 -27.25
C SER D 83 -20.43 42.13 -28.44
N PHE D 84 -19.62 41.09 -28.62
CA PHE D 84 -18.69 41.02 -29.74
C PHE D 84 -19.44 40.70 -31.02
N PRO D 85 -18.87 41.04 -32.19
CA PRO D 85 -17.56 41.65 -32.45
C PRO D 85 -17.49 43.15 -32.18
N GLU D 86 -18.64 43.78 -31.92
CA GLU D 86 -18.65 45.22 -31.67
C GLU D 86 -17.85 45.57 -30.42
N GLY D 87 -17.99 44.77 -29.36
CA GLY D 87 -17.33 45.04 -28.11
C GLY D 87 -18.24 45.72 -27.11
N PHE D 88 -17.63 46.38 -26.13
CA PHE D 88 -18.37 47.09 -25.10
C PHE D 88 -17.47 48.15 -24.50
N LYS D 89 -18.01 48.87 -23.52
CA LYS D 89 -17.26 49.85 -22.75
C LYS D 89 -17.55 49.64 -21.26
N TRP D 90 -16.65 50.14 -20.43
CA TRP D 90 -16.93 50.13 -18.99
C TRP D 90 -16.19 51.27 -18.31
N GLU D 91 -16.85 51.83 -17.30
CA GLU D 91 -16.33 52.96 -16.53
C GLU D 91 -16.40 52.61 -15.06
N ARG D 92 -15.28 52.79 -14.36
CA ARG D 92 -15.13 52.36 -12.98
C ARG D 92 -14.63 53.50 -12.11
N VAL D 93 -15.21 53.62 -10.92
CA VAL D 93 -14.79 54.60 -9.91
C VAL D 93 -14.45 53.84 -8.64
N MET D 94 -13.21 54.00 -8.15
CA MET D 94 -12.72 53.35 -6.95
C MET D 94 -12.35 54.42 -5.94
N ASN D 95 -13.07 54.45 -4.82
CA ASN D 95 -12.81 55.37 -3.73
C ASN D 95 -12.17 54.59 -2.58
N PHE D 96 -10.91 54.90 -2.29
CA PHE D 96 -10.18 54.25 -1.22
C PHE D 96 -10.47 54.95 0.11
N GLU D 97 -10.27 54.22 1.20
CA GLU D 97 -10.67 54.70 2.51
C GLU D 97 -9.83 55.88 3.00
N ASP D 98 -8.66 56.10 2.43
CA ASP D 98 -7.79 57.20 2.84
C ASP D 98 -7.87 58.39 1.89
N GLY D 99 -8.88 58.45 1.04
CA GLY D 99 -9.08 59.56 0.13
C GLY D 99 -8.62 59.33 -1.29
N GLY D 100 -7.97 58.20 -1.58
CA GLY D 100 -7.53 57.93 -2.93
C GLY D 100 -8.70 57.68 -3.87
N VAL D 101 -8.61 58.24 -5.07
CA VAL D 101 -9.65 58.13 -6.07
C VAL D 101 -9.03 57.63 -7.37
N VAL D 102 -9.70 56.68 -8.01
CA VAL D 102 -9.26 56.12 -9.29
C VAL D 102 -10.44 56.07 -10.23
N THR D 103 -10.33 56.75 -11.38
CA THR D 103 -11.36 56.75 -12.40
C THR D 103 -10.79 56.10 -13.66
N VAL D 104 -11.46 55.06 -14.14
CA VAL D 104 -10.99 54.28 -15.29
C VAL D 104 -12.09 54.23 -16.33
N THR D 105 -11.71 54.40 -17.59
CA THR D 105 -12.60 54.17 -18.73
C THR D 105 -11.92 53.18 -19.67
N GLN D 106 -12.70 52.28 -20.27
CA GLN D 106 -12.11 51.28 -21.13
C GLN D 106 -13.07 50.89 -22.24
N ASP D 107 -12.52 50.69 -23.43
CA ASP D 107 -13.26 50.23 -24.60
C ASP D 107 -12.64 48.93 -25.09
N SER D 108 -13.48 47.93 -25.35
CA SER D 108 -13.05 46.62 -25.82
C SER D 108 -13.71 46.34 -27.16
N SER D 109 -12.89 46.11 -28.18
CA SER D 109 -13.40 45.82 -29.51
C SER D 109 -12.77 44.56 -30.09
N PHE D 115 -8.40 40.74 -29.88
CA PHE D 115 -9.17 41.82 -29.26
C PHE D 115 -8.29 43.03 -29.01
N ILE D 116 -8.89 44.21 -29.04
CA ILE D 116 -8.19 45.48 -28.84
C ILE D 116 -8.84 46.20 -27.67
N TYR D 117 -8.06 46.49 -26.63
CA TYR D 117 -8.52 47.19 -25.45
C TYR D 117 -7.83 48.54 -25.36
N LYS D 118 -8.61 49.60 -25.13
CA LYS D 118 -8.08 50.95 -24.96
C LYS D 118 -8.54 51.46 -23.60
N VAL D 119 -7.58 51.78 -22.73
CA VAL D 119 -7.86 52.15 -21.35
C VAL D 119 -7.32 53.56 -21.07
N LYS D 120 -8.09 54.33 -20.32
CA LYS D 120 -7.68 55.66 -19.85
C LYS D 120 -7.92 55.72 -18.36
N LEU D 121 -6.86 55.99 -17.60
CA LEU D 121 -6.90 55.89 -16.14
C LEU D 121 -6.39 57.18 -15.50
N ARG D 122 -7.07 57.60 -14.43
CA ARG D 122 -6.69 58.82 -13.70
C ARG D 122 -6.82 58.54 -12.21
N GLY D 123 -5.68 58.56 -11.51
CA GLY D 123 -5.66 58.38 -10.06
C GLY D 123 -5.18 59.65 -9.38
N THR D 124 -5.94 60.07 -8.37
CA THR D 124 -5.67 61.32 -7.68
C THR D 124 -5.90 61.17 -6.18
N ASN D 125 -5.31 62.09 -5.43
CA ASN D 125 -5.56 62.24 -3.99
C ASN D 125 -5.11 61.00 -3.21
N PHE D 126 -4.00 60.40 -3.62
CA PHE D 126 -3.45 59.32 -2.82
C PHE D 126 -2.47 59.87 -1.78
N PRO D 127 -2.66 59.55 -0.50
CA PRO D 127 -1.74 60.07 0.52
C PRO D 127 -0.31 59.55 0.31
N SER D 128 0.66 60.45 0.53
CA SER D 128 2.06 60.07 0.36
C SER D 128 2.48 59.01 1.36
N ASP D 129 1.85 58.96 2.52
CA ASP D 129 2.15 57.97 3.55
C ASP D 129 1.13 56.84 3.59
N GLY D 130 0.22 56.78 2.63
CA GLY D 130 -0.76 55.72 2.58
C GLY D 130 -0.18 54.44 2.03
N PRO D 131 -0.94 53.34 2.21
CA PRO D 131 -0.44 52.05 1.75
C PRO D 131 -0.30 51.92 0.25
N VAL D 132 -0.97 52.78 -0.53
CA VAL D 132 -0.85 52.71 -1.98
C VAL D 132 0.48 53.29 -2.43
N MET D 133 0.78 54.53 -2.03
CA MET D 133 2.01 55.16 -2.46
C MET D 133 3.23 54.57 -1.75
N GLN D 134 3.05 54.01 -0.57
CA GLN D 134 4.14 53.38 0.17
C GLN D 134 4.28 51.90 -0.14
N LYS D 135 3.38 51.33 -0.94
CA LYS D 135 3.47 49.94 -1.39
C LYS D 135 3.47 48.97 -0.20
N LYS D 136 2.49 49.15 0.69
CA LYS D 136 2.30 48.27 1.84
C LYS D 136 1.20 47.25 1.63
N THR D 137 0.86 46.97 0.38
CA THR D 137 -0.23 46.06 0.03
C THR D 137 0.30 44.66 -0.26
N MET D 138 -0.57 43.66 -0.09
CA MET D 138 -0.20 42.26 -0.26
C MET D 138 -1.21 41.53 -1.14
N GLY D 139 -1.79 42.22 -2.12
CA GLY D 139 -2.74 41.59 -3.00
C GLY D 139 -4.17 41.69 -2.49
N TRP D 140 -5.12 41.55 -3.41
CA TRP D 140 -6.52 41.68 -3.08
C TRP D 140 -7.09 40.38 -2.52
N GLU D 141 -7.97 40.51 -1.54
CA GLU D 141 -8.71 39.36 -1.03
C GLU D 141 -9.78 38.94 -2.04
N ALA D 142 -10.31 37.74 -1.83
CA ALA D 142 -11.43 37.28 -2.64
C ALA D 142 -12.67 38.13 -2.36
N SER D 143 -13.35 38.56 -3.42
CA SER D 143 -14.50 39.45 -3.29
C SER D 143 -15.59 38.98 -4.23
N SER D 144 -16.77 38.70 -3.67
CA SER D 144 -17.92 38.28 -4.46
C SER D 144 -18.68 39.53 -4.91
N GLU D 145 -18.68 39.79 -6.20
CA GLU D 145 -19.36 40.95 -6.78
C GLU D 145 -20.73 40.51 -7.26
N ARG D 146 -21.78 41.11 -6.69
CA ARG D 146 -23.15 40.79 -7.06
C ARG D 146 -23.60 41.72 -8.18
N MET D 147 -24.04 41.13 -9.28
CA MET D 147 -24.49 41.88 -10.46
C MET D 147 -26.01 41.87 -10.54
N TYR D 148 -26.56 42.98 -11.01
CA TYR D 148 -28.01 43.11 -11.17
C TYR D 148 -28.36 44.18 -12.20
N ALA D 153 -27.75 49.34 -18.69
CA ALA D 153 -26.40 48.79 -18.57
C ALA D 153 -26.30 47.87 -17.35
N LEU D 154 -25.13 47.30 -17.16
CA LEU D 154 -24.87 46.40 -16.04
C LEU D 154 -24.05 47.13 -14.98
N LYS D 155 -24.50 47.06 -13.73
CA LYS D 155 -23.86 47.74 -12.62
C LYS D 155 -23.23 46.73 -11.67
N GLY D 156 -22.09 47.11 -11.10
CA GLY D 156 -21.42 46.27 -10.12
C GLY D 156 -20.78 47.06 -9.01
N GLU D 157 -21.05 46.70 -7.76
CA GLU D 157 -20.50 47.38 -6.60
C GLU D 157 -19.72 46.38 -5.75
N ILE D 158 -18.53 46.78 -5.33
CA ILE D 158 -17.61 45.91 -4.60
C ILE D 158 -17.13 46.64 -3.36
N LYS D 159 -17.16 45.95 -2.22
CA LYS D 159 -16.50 46.39 -1.00
C LYS D 159 -15.17 45.63 -0.91
N GLN D 160 -14.19 46.10 -1.66
CA GLN D 160 -12.95 45.36 -1.85
C GLN D 160 -12.02 45.60 -0.67
N ARG D 161 -11.25 44.56 -0.33
CA ARG D 161 -10.33 44.60 0.80
C ARG D 161 -8.93 44.28 0.30
N LEU D 162 -7.98 45.15 0.64
CA LEU D 162 -6.58 45.02 0.22
C LEU D 162 -5.76 44.60 1.42
N LYS D 163 -5.03 43.48 1.29
CA LYS D 163 -4.25 42.96 2.40
C LYS D 163 -3.06 43.86 2.70
N LEU D 164 -2.78 44.02 3.99
CA LEU D 164 -1.65 44.82 4.46
C LEU D 164 -0.53 43.91 4.95
N LYS D 165 0.70 44.39 4.85
CA LYS D 165 1.85 43.60 5.28
C LYS D 165 1.87 43.42 6.79
N ASP D 166 1.54 44.47 7.53
CA ASP D 166 1.56 44.45 8.99
C ASP D 166 0.24 43.96 9.59
N GLY D 167 -0.68 43.47 8.78
CA GLY D 167 -1.94 42.97 9.26
C GLY D 167 -3.08 43.93 8.95
N GLY D 168 -4.30 43.40 9.05
CA GLY D 168 -5.49 44.18 8.75
C GLY D 168 -5.82 44.18 7.28
N HIS D 169 -6.70 45.11 6.91
CA HIS D 169 -7.15 45.24 5.53
C HIS D 169 -7.25 46.71 5.16
N TYR D 170 -7.15 46.97 3.86
CA TYR D 170 -7.24 48.32 3.29
C TYR D 170 -8.47 48.32 2.38
N ASP D 171 -9.55 48.93 2.83
CA ASP D 171 -10.84 48.80 2.18
C ASP D 171 -11.05 49.89 1.14
N ALA D 172 -11.84 49.56 0.12
CA ALA D 172 -12.18 50.49 -0.94
C ALA D 172 -13.57 50.16 -1.48
N GLU D 173 -14.26 51.19 -1.95
CA GLU D 173 -15.58 51.06 -2.56
C GLU D 173 -15.42 51.23 -4.06
N VAL D 174 -15.80 50.20 -4.82
CA VAL D 174 -15.65 50.18 -6.27
C VAL D 174 -17.03 50.12 -6.90
N LYS D 175 -17.25 50.95 -7.93
CA LYS D 175 -18.50 50.95 -8.67
C LYS D 175 -18.18 50.98 -10.15
N THR D 176 -18.67 49.99 -10.89
CA THR D 176 -18.34 49.83 -12.31
C THR D 176 -19.62 49.68 -13.13
N THR D 177 -19.64 50.34 -14.28
CA THR D 177 -20.74 50.25 -15.23
C THR D 177 -20.21 49.65 -16.53
N TYR D 178 -20.81 48.54 -16.95
CA TYR D 178 -20.48 47.87 -18.19
C TYR D 178 -21.64 48.03 -19.16
N LYS D 179 -21.35 48.55 -20.37
CA LYS D 179 -22.38 48.80 -21.37
C LYS D 179 -21.94 48.21 -22.70
N ALA D 180 -22.74 47.28 -23.22
CA ALA D 180 -22.45 46.68 -24.51
C ALA D 180 -22.85 47.61 -25.64
N LYS D 181 -22.10 47.53 -26.74
CA LYS D 181 -22.40 48.32 -27.92
C LYS D 181 -23.60 47.82 -28.69
N LYS D 182 -24.06 46.60 -28.43
CA LYS D 182 -25.20 46.01 -29.11
C LYS D 182 -26.19 45.49 -28.07
N PRO D 183 -27.47 45.79 -28.19
CA PRO D 183 -28.45 45.33 -27.19
C PRO D 183 -28.68 43.83 -27.31
N VAL D 184 -28.51 43.13 -26.20
CA VAL D 184 -28.77 41.70 -26.11
C VAL D 184 -29.59 41.43 -24.85
N GLN D 185 -30.01 40.18 -24.71
CA GLN D 185 -30.88 39.81 -23.60
C GLN D 185 -30.15 39.91 -22.27
N LEU D 186 -30.76 40.62 -21.31
CA LEU D 186 -30.18 40.76 -19.99
C LEU D 186 -30.53 39.55 -19.12
N PRO D 187 -29.58 39.07 -18.31
CA PRO D 187 -29.87 37.92 -17.45
C PRO D 187 -30.53 38.32 -16.14
N GLY D 188 -30.81 37.34 -15.28
CA GLY D 188 -31.38 37.59 -13.98
C GLY D 188 -30.31 37.91 -12.95
N ALA D 189 -30.68 37.72 -11.69
CA ALA D 189 -29.75 37.97 -10.59
C ALA D 189 -28.73 36.85 -10.49
N TYR D 190 -27.48 37.21 -10.28
CA TYR D 190 -26.39 36.25 -10.16
C TYR D 190 -25.19 36.92 -9.51
N ASN D 191 -24.28 36.10 -9.01
CA ASN D 191 -23.07 36.58 -8.35
C ASN D 191 -21.86 35.84 -8.90
N VAL D 192 -20.80 36.58 -9.20
CA VAL D 192 -19.61 36.02 -9.84
C VAL D 192 -18.49 35.93 -8.82
N ASN D 193 -17.93 34.74 -8.68
CA ASN D 193 -16.74 34.53 -7.85
C ASN D 193 -15.50 34.69 -8.74
N ILE D 194 -14.62 35.61 -8.34
CA ILE D 194 -13.45 35.97 -9.13
C ILE D 194 -12.21 35.87 -8.23
N LYS D 195 -11.14 35.31 -8.78
CA LYS D 195 -9.85 35.25 -8.10
C LYS D 195 -8.75 35.64 -9.08
N LEU D 196 -7.96 36.63 -8.70
CA LEU D 196 -6.85 37.12 -9.52
C LEU D 196 -5.55 36.89 -8.78
N ASP D 197 -4.50 36.54 -9.54
CA ASP D 197 -3.19 36.23 -8.98
C ASP D 197 -2.12 36.89 -9.82
N ILE D 198 -1.08 37.38 -9.15
CA ILE D 198 0.11 37.90 -9.82
C ILE D 198 1.11 36.76 -9.91
N THR D 199 1.33 36.25 -11.14
CA THR D 199 2.13 35.04 -11.29
C THR D 199 3.63 35.34 -11.30
N SER D 200 4.03 36.52 -11.78
CA SER D 200 5.44 36.87 -11.84
C SER D 200 5.57 38.38 -11.97
N HIS D 201 6.64 38.91 -11.40
CA HIS D 201 6.94 40.34 -11.45
C HIS D 201 8.38 40.55 -11.03
N ASN D 202 9.00 41.58 -11.59
CA ASN D 202 10.36 41.95 -11.21
C ASN D 202 10.32 42.82 -9.96
N GLU D 203 11.47 43.39 -9.58
CA GLU D 203 11.55 44.14 -8.33
C GLU D 203 10.75 45.44 -8.41
N ASP D 204 10.76 46.10 -9.57
CA ASP D 204 10.10 47.39 -9.73
C ASP D 204 8.73 47.27 -10.41
N TYR D 205 8.22 46.05 -10.58
CA TYR D 205 6.89 45.82 -11.15
C TYR D 205 6.75 46.44 -12.54
N THR D 206 7.79 46.31 -13.35
CA THR D 206 7.73 46.79 -14.73
C THR D 206 7.36 45.69 -15.72
N ILE D 207 7.50 44.42 -15.34
CA ILE D 207 7.09 43.29 -16.15
C ILE D 207 6.23 42.40 -15.27
N VAL D 208 4.94 42.34 -15.55
CA VAL D 208 3.98 41.67 -14.68
C VAL D 208 3.13 40.72 -15.51
N GLU D 209 2.97 39.49 -15.03
CA GLU D 209 2.04 38.53 -15.58
C GLU D 209 0.93 38.24 -14.57
N GLN D 210 -0.30 38.21 -15.07
CA GLN D 210 -1.48 38.06 -14.22
C GLN D 210 -2.30 36.87 -14.69
N TYR D 211 -2.97 36.22 -13.74
CA TYR D 211 -3.86 35.10 -14.00
C TYR D 211 -5.21 35.38 -13.35
N GLU D 212 -6.28 35.03 -14.05
CA GLU D 212 -7.63 35.33 -13.56
C GLU D 212 -8.54 34.13 -13.77
N ARG D 213 -9.32 33.82 -12.73
CA ARG D 213 -10.38 32.83 -12.78
C ARG D 213 -11.69 33.49 -12.37
N ALA D 214 -12.76 33.22 -13.11
CA ALA D 214 -14.05 33.82 -12.82
C ALA D 214 -15.17 32.87 -13.19
N GLU D 215 -16.13 32.71 -12.28
CA GLU D 215 -17.25 31.80 -12.51
C GLU D 215 -18.51 32.37 -11.89
N GLY D 216 -19.61 32.36 -12.65
CA GLY D 216 -20.87 32.87 -12.16
C GLY D 216 -21.70 31.80 -11.47
N ARG D 217 -22.54 32.24 -10.53
CA ARG D 217 -23.41 31.36 -9.76
C ARG D 217 -24.74 32.05 -9.54
N HIS D 218 -25.76 31.24 -9.27
CA HIS D 218 -27.09 31.78 -8.98
C HIS D 218 -27.11 32.42 -7.60
N SER D 219 -27.91 33.48 -7.47
CA SER D 219 -28.06 34.17 -6.20
C SER D 219 -29.26 33.65 -5.43
N LEU E 1 13.61 -12.94 9.75
CA LEU E 1 13.46 -11.99 10.85
C LEU E 1 11.98 -11.70 11.12
N LEU E 2 11.23 -12.75 11.46
CA LEU E 2 9.81 -12.65 11.74
C LEU E 2 9.51 -13.09 13.16
N THR E 3 8.29 -12.82 13.60
CA THR E 3 7.83 -13.19 14.93
C THR E 3 6.98 -14.45 14.85
N ALA E 4 7.09 -15.29 15.87
CA ALA E 4 6.32 -16.54 15.89
C ALA E 4 4.82 -16.27 15.91
N GLU E 5 4.40 -15.21 16.61
CA GLU E 5 2.99 -14.83 16.60
C GLU E 5 2.57 -14.33 15.21
N THR E 6 3.38 -13.46 14.61
CA THR E 6 3.06 -12.91 13.29
C THR E 6 2.89 -14.01 12.25
N PHE E 7 3.59 -15.13 12.42
CA PHE E 7 3.44 -16.26 11.49
C PHE E 7 1.98 -16.69 11.40
N ARG E 8 1.39 -17.07 12.52
CA ARG E 8 -0.01 -17.48 12.52
C ARG E 8 -0.95 -16.30 12.33
N LEU E 9 -0.50 -15.08 12.61
CA LEU E 9 -1.36 -13.92 12.40
C LEU E 9 -1.51 -13.58 10.92
N GLN E 10 -0.52 -13.94 10.10
CA GLN E 10 -0.56 -13.62 8.68
C GLN E 10 -0.61 -14.83 7.76
N PHE E 11 -0.01 -15.96 8.14
CA PHE E 11 -0.05 -17.15 7.30
C PHE E 11 -1.30 -18.00 7.54
N ASN E 12 -1.71 -18.15 8.80
CA ASN E 12 -2.92 -18.92 9.10
C ASN E 12 -4.15 -18.11 8.69
N ASN E 13 -4.90 -18.62 7.72
CA ASN E 13 -6.08 -17.95 7.21
C ASN E 13 -7.12 -19.00 6.86
N LYS E 14 -8.17 -19.09 7.68
CA LYS E 14 -9.23 -20.06 7.50
C LYS E 14 -10.36 -19.47 6.65
N ARG E 15 -11.31 -20.34 6.28
CA ARG E 15 -12.49 -19.86 5.56
C ARG E 15 -13.27 -18.86 6.42
N ARG E 16 -13.53 -19.22 7.67
CA ARG E 16 -14.08 -18.31 8.67
C ARG E 16 -12.98 -18.01 9.67
N LEU E 17 -12.56 -16.74 9.73
CA LEU E 17 -11.35 -16.38 10.44
C LEU E 17 -11.62 -16.33 11.95
N ARG E 18 -10.67 -15.80 12.71
CA ARG E 18 -10.71 -15.87 14.16
C ARG E 18 -11.67 -14.82 14.71
N ARG E 19 -11.62 -14.63 16.03
CA ARG E 19 -12.56 -13.70 16.67
C ARG E 19 -12.27 -12.25 16.32
N PRO E 20 -11.02 -11.76 16.33
CA PRO E 20 -10.77 -10.42 15.79
C PRO E 20 -11.06 -10.38 14.30
N TYR E 21 -11.62 -9.27 13.85
CA TYR E 21 -12.14 -9.14 12.49
C TYR E 21 -11.11 -8.48 11.58
N TYR E 22 -10.83 -9.16 10.46
CA TYR E 22 -9.88 -8.80 9.40
C TYR E 22 -8.57 -8.19 9.86
N PRO E 23 -7.84 -8.80 10.81
CA PRO E 23 -6.49 -8.29 11.12
C PRO E 23 -5.40 -9.00 10.31
N ARG E 24 -5.41 -8.79 8.99
CA ARG E 24 -4.54 -9.54 8.09
C ARG E 24 -3.83 -8.61 7.12
N LYS E 25 -2.56 -8.91 6.86
CA LYS E 25 -1.75 -8.20 5.88
C LYS E 25 -1.06 -9.22 4.99
N ALA E 26 -0.43 -8.74 3.93
CA ALA E 26 0.19 -9.60 2.93
C ALA E 26 1.70 -9.67 3.15
N LEU E 27 2.24 -10.89 3.09
CA LEU E 27 3.67 -11.12 3.23
C LEU E 27 4.16 -12.00 2.07
N LEU E 28 5.46 -11.89 1.81
CA LEU E 28 6.15 -12.72 0.83
C LEU E 28 7.46 -13.18 1.44
N CYS E 29 7.92 -14.37 1.05
CA CYS E 29 9.16 -14.92 1.58
C CYS E 29 9.94 -15.54 0.43
N TYR E 30 10.96 -14.82 -0.05
CA TYR E 30 11.80 -15.32 -1.13
C TYR E 30 12.99 -16.10 -0.57
N GLN E 31 13.24 -17.26 -1.16
CA GLN E 31 14.35 -18.15 -0.78
C GLN E 31 15.15 -18.43 -2.05
N LEU E 32 16.14 -17.57 -2.33
CA LEU E 32 16.99 -17.75 -3.50
C LEU E 32 18.03 -18.82 -3.17
N THR E 33 18.09 -19.86 -3.99
CA THR E 33 18.99 -21.00 -3.76
C THR E 33 19.95 -21.15 -4.93
N PRO E 34 21.03 -20.37 -4.94
CA PRO E 34 22.09 -20.61 -5.94
C PRO E 34 22.78 -21.93 -5.71
N GLN E 35 22.54 -22.90 -6.60
CA GLN E 35 23.10 -24.24 -6.50
C GLN E 35 24.50 -24.34 -7.08
N ASN E 36 25.02 -23.27 -7.67
CA ASN E 36 26.38 -23.28 -8.20
C ASN E 36 27.39 -23.59 -7.11
N GLY E 37 27.45 -22.75 -6.09
CA GLY E 37 28.31 -23.01 -4.95
C GLY E 37 27.53 -23.24 -3.68
N SER E 38 26.23 -23.52 -3.83
CA SER E 38 25.31 -23.72 -2.70
C SER E 38 25.37 -22.53 -1.74
N THR E 39 24.97 -21.36 -2.25
CA THR E 39 25.09 -20.10 -1.54
C THR E 39 23.71 -19.46 -1.42
N PRO E 40 22.86 -19.96 -0.52
CA PRO E 40 21.47 -19.48 -0.48
C PRO E 40 21.32 -18.16 0.27
N THR E 41 20.36 -17.37 -0.19
CA THR E 41 19.93 -16.15 0.47
C THR E 41 18.44 -16.23 0.75
N ARG E 42 18.01 -15.54 1.81
CA ARG E 42 16.62 -15.58 2.24
C ARG E 42 16.15 -14.18 2.57
N GLY E 43 14.84 -13.97 2.51
CA GLY E 43 14.29 -12.70 2.89
C GLY E 43 12.78 -12.63 2.90
N TYR E 44 12.22 -11.79 3.77
CA TYR E 44 10.79 -11.54 3.80
C TYR E 44 10.50 -10.12 3.32
N PHE E 45 9.38 -9.97 2.63
CA PHE E 45 8.91 -8.68 2.13
C PHE E 45 7.46 -8.50 2.53
N GLU E 46 7.19 -7.55 3.42
CA GLU E 46 5.82 -7.17 3.69
C GLU E 46 5.27 -6.40 2.49
N ASN E 47 3.94 -6.41 2.36
CA ASN E 47 3.31 -5.62 1.30
C ASN E 47 3.47 -4.15 1.68
N LYS E 48 4.42 -3.48 1.04
CA LYS E 48 4.85 -2.15 1.46
C LYS E 48 3.86 -1.11 0.95
N LYS E 49 4.27 0.16 1.02
CA LYS E 49 3.40 1.29 0.71
C LYS E 49 3.08 1.27 -0.77
N GLU E 50 1.85 0.86 -1.12
CA GLU E 50 1.33 0.78 -2.48
C GLU E 50 2.36 0.21 -3.46
N CYS E 51 3.05 -0.84 -3.03
CA CYS E 51 3.97 -1.55 -3.91
C CYS E 51 3.98 -2.99 -3.40
N HIS E 52 3.24 -3.86 -4.08
CA HIS E 52 3.05 -5.22 -3.62
C HIS E 52 4.38 -5.95 -3.47
N ALA E 53 4.45 -6.82 -2.45
CA ALA E 53 5.71 -7.49 -2.11
C ALA E 53 6.32 -8.23 -3.29
N ALA E 54 5.53 -8.60 -4.30
CA ALA E 54 6.09 -9.19 -5.50
C ALA E 54 6.96 -8.18 -6.25
N ILE E 55 6.45 -6.96 -6.44
CA ILE E 55 7.22 -5.92 -7.11
C ILE E 55 8.41 -5.49 -6.25
N CYS E 56 8.21 -5.43 -4.94
CA CYS E 56 9.31 -5.09 -4.04
C CYS E 56 10.43 -6.12 -4.14
N PHE E 57 10.07 -7.41 -4.14
CA PHE E 57 11.08 -8.45 -4.24
C PHE E 57 11.72 -8.48 -5.63
N ILE E 58 10.95 -8.16 -6.67
CA ILE E 58 11.53 -8.05 -8.00
C ILE E 58 12.59 -6.95 -8.04
N ASN E 59 12.27 -5.78 -7.49
CA ASN E 59 13.24 -4.69 -7.47
C ASN E 59 14.41 -5.02 -6.55
N GLU E 60 14.20 -5.82 -5.51
CA GLU E 60 15.30 -6.25 -4.66
C GLU E 60 16.26 -7.14 -5.43
N ILE E 61 15.73 -8.16 -6.11
CA ILE E 61 16.56 -9.00 -6.97
C ILE E 61 17.25 -8.17 -8.04
N LYS E 62 16.59 -7.11 -8.52
CA LYS E 62 17.18 -6.26 -9.56
C LYS E 62 18.37 -5.48 -9.02
N SER E 63 18.17 -4.76 -7.92
CA SER E 63 19.17 -3.86 -7.37
C SER E 63 20.12 -4.54 -6.38
N MET E 64 20.05 -5.86 -6.23
CA MET E 64 20.97 -6.57 -5.35
C MET E 64 22.23 -7.04 -6.06
N GLY E 65 22.18 -7.19 -7.38
CA GLY E 65 23.33 -7.66 -8.13
C GLY E 65 23.23 -9.12 -8.49
N LEU E 66 22.83 -9.41 -9.74
CA LEU E 66 22.68 -10.77 -10.20
C LEU E 66 23.97 -11.28 -10.84
N ASP E 67 24.01 -12.59 -11.08
CA ASP E 67 25.13 -13.23 -11.76
C ASP E 67 24.55 -14.03 -12.92
N GLU E 68 24.74 -13.54 -14.14
CA GLU E 68 24.13 -14.11 -15.34
C GLU E 68 24.70 -15.47 -15.74
N THR E 69 25.61 -16.04 -14.96
CA THR E 69 26.25 -17.29 -15.36
C THR E 69 25.42 -18.50 -14.99
N GLN E 70 25.13 -18.67 -13.70
CA GLN E 70 24.50 -19.87 -13.18
C GLN E 70 22.98 -19.70 -13.09
N CYS E 71 22.30 -20.82 -12.83
CA CYS E 71 20.85 -20.85 -12.69
C CYS E 71 20.47 -20.85 -11.22
N TYR E 72 19.29 -20.31 -10.93
CA TYR E 72 18.79 -20.18 -9.56
C TYR E 72 17.41 -20.79 -9.47
N GLN E 73 17.25 -21.75 -8.56
CA GLN E 73 15.94 -22.33 -8.24
C GLN E 73 15.42 -21.61 -7.00
N VAL E 74 14.63 -20.57 -7.23
CA VAL E 74 14.12 -19.73 -6.16
C VAL E 74 12.73 -20.22 -5.76
N THR E 75 12.55 -20.51 -4.48
CA THR E 75 11.24 -20.79 -3.92
C THR E 75 10.69 -19.55 -3.23
N CYS E 76 9.36 -19.45 -3.19
CA CYS E 76 8.71 -18.27 -2.65
C CYS E 76 7.43 -18.70 -1.95
N TYR E 77 7.46 -18.71 -0.62
CA TYR E 77 6.32 -19.03 0.22
C TYR E 77 5.66 -17.72 0.67
N LEU E 78 4.49 -17.43 0.11
CA LEU E 78 3.81 -16.18 0.41
C LEU E 78 2.46 -16.44 1.07
N THR E 79 2.05 -15.51 1.94
CA THR E 79 0.80 -15.64 2.66
C THR E 79 -0.39 -15.56 1.72
N TRP E 80 -0.55 -14.43 1.03
CA TRP E 80 -1.70 -14.19 0.17
C TRP E 80 -1.26 -14.27 -1.28
N SER E 81 -2.02 -15.02 -2.08
CA SER E 81 -1.69 -15.23 -3.48
C SER E 81 -1.51 -13.90 -4.19
N PRO E 82 -0.60 -13.80 -5.16
CA PRO E 82 -0.40 -12.54 -5.86
C PRO E 82 -1.60 -12.20 -6.73
N CYS E 83 -1.78 -10.91 -6.98
CA CYS E 83 -2.92 -10.43 -7.75
C CYS E 83 -2.61 -10.56 -9.25
N SER E 84 -3.47 -9.97 -10.09
CA SER E 84 -3.33 -10.14 -11.53
C SER E 84 -2.12 -9.38 -12.08
N SER E 85 -2.03 -8.08 -11.77
CA SER E 85 -1.01 -7.24 -12.41
C SER E 85 0.40 -7.64 -11.99
N CYS E 86 0.62 -7.87 -10.70
CA CYS E 86 1.96 -8.23 -10.25
C CYS E 86 2.37 -9.61 -10.76
N ALA E 87 1.40 -10.50 -10.99
CA ALA E 87 1.74 -11.79 -11.59
C ALA E 87 2.25 -11.62 -13.01
N TRP E 88 1.66 -10.69 -13.77
CA TRP E 88 2.14 -10.45 -15.13
C TRP E 88 3.49 -9.74 -15.12
N GLU E 89 3.69 -8.81 -14.18
CA GLU E 89 5.03 -8.24 -14.00
C GLU E 89 6.05 -9.32 -13.66
N LEU E 90 5.64 -10.28 -12.83
CA LEU E 90 6.52 -11.38 -12.44
C LEU E 90 6.89 -12.24 -13.65
N VAL E 91 5.90 -12.59 -14.47
CA VAL E 91 6.19 -13.45 -15.61
C VAL E 91 6.99 -12.71 -16.67
N ASP E 92 6.80 -11.39 -16.79
CA ASP E 92 7.62 -10.61 -17.72
C ASP E 92 9.06 -10.47 -17.21
N PHE E 93 9.24 -10.39 -15.90
CA PHE E 93 10.59 -10.37 -15.34
C PHE E 93 11.25 -11.74 -15.44
N ILE E 94 10.46 -12.81 -15.44
CA ILE E 94 11.02 -14.16 -15.55
C ILE E 94 11.34 -14.50 -16.99
N LYS E 95 10.60 -13.96 -17.95
CA LYS E 95 10.91 -14.21 -19.36
C LYS E 95 12.23 -13.55 -19.76
N ALA E 96 12.62 -12.48 -19.07
CA ALA E 96 13.87 -11.79 -19.37
C ALA E 96 15.08 -12.44 -18.71
N HIS E 97 14.87 -13.36 -17.77
CA HIS E 97 15.95 -14.06 -17.07
C HIS E 97 15.73 -15.56 -17.26
N ASP E 98 16.39 -16.13 -18.27
CA ASP E 98 16.27 -17.57 -18.52
C ASP E 98 17.02 -18.40 -17.48
N HIS E 99 17.91 -17.78 -16.72
CA HIS E 99 18.66 -18.46 -15.68
C HIS E 99 17.91 -18.54 -14.35
N LEU E 100 16.62 -18.23 -14.34
CA LEU E 100 15.81 -18.25 -13.13
C LEU E 100 14.67 -19.26 -13.28
N ASN E 101 14.45 -20.06 -12.24
CA ASN E 101 13.31 -20.96 -12.17
C ASN E 101 12.65 -20.76 -10.81
N LEU E 102 11.38 -20.38 -10.80
CA LEU E 102 10.68 -19.96 -9.60
C LEU E 102 9.57 -20.95 -9.26
N ARG E 103 9.44 -21.25 -7.97
CA ARG E 103 8.31 -22.00 -7.44
C ARG E 103 7.53 -21.10 -6.48
N ILE E 104 6.22 -21.05 -6.65
CA ILE E 104 5.34 -20.18 -5.88
C ILE E 104 4.42 -21.05 -5.04
N PHE E 105 4.46 -20.86 -3.72
CA PHE E 105 3.56 -21.57 -2.81
C PHE E 105 2.85 -20.55 -1.93
N ALA E 106 1.54 -20.43 -2.10
CA ALA E 106 0.74 -19.48 -1.34
C ALA E 106 0.01 -20.18 -0.19
N SER E 107 -0.36 -19.39 0.81
CA SER E 107 -1.13 -19.90 1.94
C SER E 107 -2.64 -19.80 1.70
N ARG E 108 -3.11 -18.62 1.26
CA ARG E 108 -4.51 -18.41 0.94
C ARG E 108 -4.63 -17.83 -0.44
N LEU E 109 -5.69 -18.21 -1.16
CA LEU E 109 -5.98 -17.69 -2.49
C LEU E 109 -6.64 -16.32 -2.33
N TYR E 110 -5.81 -15.29 -2.21
CA TYR E 110 -6.30 -13.92 -2.08
C TYR E 110 -6.60 -13.35 -3.45
N TYR E 111 -7.85 -12.93 -3.66
CA TYR E 111 -8.22 -12.22 -4.86
C TYR E 111 -9.58 -11.55 -4.62
N HIS E 112 -9.96 -10.68 -5.54
CA HIS E 112 -11.22 -9.95 -5.43
C HIS E 112 -12.41 -10.75 -5.94
N TRP E 113 -12.23 -12.05 -6.15
CA TRP E 113 -13.30 -12.98 -6.54
C TRP E 113 -13.92 -12.60 -7.88
N CYS E 114 -13.22 -11.78 -8.66
CA CYS E 114 -13.61 -11.43 -10.02
C CYS E 114 -12.79 -12.25 -11.01
N LYS E 115 -12.91 -11.92 -12.29
CA LYS E 115 -12.28 -12.63 -13.40
C LYS E 115 -10.78 -12.36 -13.57
N PRO E 116 -10.29 -11.12 -13.44
CA PRO E 116 -8.87 -10.89 -13.79
C PRO E 116 -7.87 -11.68 -12.97
N GLN E 117 -8.07 -11.78 -11.65
CA GLN E 117 -7.14 -12.53 -10.82
C GLN E 117 -7.34 -14.04 -10.92
N GLN E 118 -8.27 -14.50 -11.76
CA GLN E 118 -8.43 -15.94 -11.99
C GLN E 118 -7.37 -16.46 -12.95
N ASP E 119 -7.33 -15.91 -14.16
CA ASP E 119 -6.31 -16.26 -15.13
C ASP E 119 -4.98 -15.56 -14.88
N GLY E 120 -4.93 -14.61 -13.94
CA GLY E 120 -3.67 -13.95 -13.62
C GLY E 120 -2.63 -14.91 -13.07
N LEU E 121 -3.08 -15.98 -12.41
CA LEU E 121 -2.17 -17.00 -11.90
C LEU E 121 -2.30 -18.31 -12.66
N ARG E 122 -3.18 -18.39 -13.66
CA ARG E 122 -3.26 -19.59 -14.48
C ARG E 122 -2.16 -19.65 -15.53
N LEU E 123 -1.67 -18.48 -15.97
CA LEU E 123 -0.57 -18.46 -16.91
C LEU E 123 0.73 -18.92 -16.27
N LEU E 124 0.91 -18.66 -14.97
CA LEU E 124 2.12 -19.07 -14.28
C LEU E 124 2.25 -20.59 -14.26
N CYS E 125 1.22 -21.27 -13.73
CA CYS E 125 1.24 -22.72 -13.60
C CYS E 125 1.20 -23.45 -14.95
N GLY E 126 1.14 -22.72 -16.05
CA GLY E 126 1.10 -23.36 -17.36
C GLY E 126 2.26 -22.98 -18.26
N SER E 127 2.98 -21.92 -17.92
CA SER E 127 4.08 -21.44 -18.75
C SER E 127 5.43 -21.57 -18.07
N GLN E 128 5.62 -20.97 -16.90
CA GLN E 128 6.96 -20.98 -16.32
C GLN E 128 7.00 -21.42 -14.86
N VAL E 129 6.02 -21.06 -14.05
CA VAL E 129 6.12 -21.24 -12.61
C VAL E 129 5.04 -22.17 -12.10
N PRO E 130 5.39 -23.38 -11.62
CA PRO E 130 4.37 -24.26 -11.03
C PRO E 130 3.84 -23.69 -9.71
N VAL E 131 2.59 -23.22 -9.73
CA VAL E 131 2.00 -22.53 -8.59
C VAL E 131 1.00 -23.47 -7.93
N GLU E 132 1.30 -23.86 -6.69
CA GLU E 132 0.38 -24.62 -5.87
C GLU E 132 0.41 -24.05 -4.46
N VAL E 133 -0.67 -24.24 -3.71
CA VAL E 133 -0.72 -23.69 -2.36
C VAL E 133 0.08 -24.58 -1.41
N MET E 134 0.45 -24.01 -0.27
CA MET E 134 1.27 -24.72 0.70
C MET E 134 0.48 -25.86 1.34
N GLY E 135 1.19 -26.88 1.79
CA GLY E 135 0.61 -27.98 2.52
C GLY E 135 1.26 -28.14 3.87
N PHE E 136 1.59 -29.37 4.25
CA PHE E 136 2.30 -29.54 5.51
C PHE E 136 3.77 -29.16 5.36
N PRO E 137 4.50 -29.71 4.38
CA PRO E 137 5.94 -29.36 4.30
C PRO E 137 6.17 -27.90 3.94
N GLU E 138 5.44 -27.37 2.96
CA GLU E 138 5.70 -26.00 2.51
C GLU E 138 5.42 -24.99 3.62
N PHE E 139 4.41 -25.25 4.46
CA PHE E 139 4.22 -24.45 5.66
C PHE E 139 5.36 -24.67 6.65
N ALA E 140 5.65 -25.94 6.95
CA ALA E 140 6.72 -26.26 7.90
C ALA E 140 8.07 -25.73 7.44
N ASP E 141 8.30 -25.69 6.13
CA ASP E 141 9.54 -25.11 5.61
C ASP E 141 9.62 -23.63 5.96
N CYS E 142 8.62 -22.84 5.55
CA CYS E 142 8.62 -21.41 5.82
C CYS E 142 8.56 -21.11 7.32
N TRP E 143 8.06 -22.04 8.13
CA TRP E 143 7.92 -21.80 9.55
C TRP E 143 9.26 -21.57 10.23
N GLU E 144 10.15 -22.56 10.19
CA GLU E 144 11.42 -22.44 10.88
C GLU E 144 12.48 -21.70 10.06
N ASN E 145 12.35 -21.69 8.73
CA ASN E 145 13.34 -21.01 7.90
C ASN E 145 13.22 -19.49 8.05
N PHE E 146 12.07 -18.92 7.69
CA PHE E 146 11.92 -17.47 7.68
C PHE E 146 11.61 -16.92 9.06
N VAL E 147 10.54 -17.43 9.69
CA VAL E 147 10.19 -16.98 11.04
C VAL E 147 11.26 -17.47 12.01
N ASP E 148 11.75 -16.55 12.84
CA ASP E 148 12.84 -16.86 13.76
C ASP E 148 12.42 -17.96 14.74
N HIS E 149 13.20 -19.04 14.76
CA HIS E 149 12.94 -20.19 15.61
C HIS E 149 13.83 -20.18 16.85
N GLU E 150 14.06 -18.99 17.41
CA GLU E 150 15.02 -18.82 18.50
C GLU E 150 14.42 -19.30 19.82
N LYS E 151 15.10 -18.97 20.93
CA LYS E 151 14.82 -19.43 22.27
C LYS E 151 13.34 -19.36 22.66
N PRO E 152 12.69 -18.19 22.58
CA PRO E 152 11.29 -18.11 23.05
C PRO E 152 10.32 -18.73 22.05
N LEU E 153 9.11 -18.95 22.53
CA LEU E 153 8.03 -19.52 21.71
C LEU E 153 6.73 -18.87 22.12
N SER E 154 6.09 -18.15 21.19
CA SER E 154 4.87 -17.41 21.51
C SER E 154 3.63 -18.31 21.36
N PHE E 155 3.61 -19.34 22.20
CA PHE E 155 2.48 -20.27 22.34
C PHE E 155 1.86 -20.64 21.00
N ASN E 156 2.73 -21.03 20.06
CA ASN E 156 2.28 -21.57 18.77
C ASN E 156 3.19 -22.72 18.36
N PRO E 157 3.31 -23.77 19.21
CA PRO E 157 4.22 -24.87 18.88
C PRO E 157 3.72 -25.72 17.72
N TYR E 158 2.47 -26.19 17.83
CA TYR E 158 1.88 -27.03 16.80
C TYR E 158 0.41 -26.71 16.56
N LYS E 159 -0.08 -25.56 17.03
CA LYS E 159 -1.46 -25.16 16.73
C LYS E 159 -1.69 -25.08 15.23
N MET E 160 -0.66 -24.73 14.46
CA MET E 160 -0.79 -24.69 13.02
C MET E 160 -1.05 -26.08 12.43
N LEU E 161 -0.56 -27.14 13.09
CA LEU E 161 -0.67 -28.49 12.53
C LEU E 161 -2.09 -28.83 12.10
N GLU E 162 -3.08 -28.42 12.89
CA GLU E 162 -4.46 -28.63 12.46
C GLU E 162 -4.92 -27.55 11.50
N GLU E 163 -4.48 -26.31 11.72
CA GLU E 163 -4.88 -25.21 10.84
C GLU E 163 -4.16 -25.28 9.50
N LEU E 164 -2.87 -25.62 9.49
CA LEU E 164 -2.19 -25.89 8.23
C LEU E 164 -2.88 -27.01 7.46
N ASP E 165 -3.39 -28.01 8.17
CA ASP E 165 -4.05 -29.13 7.52
C ASP E 165 -5.40 -28.70 6.95
N LYS E 166 -6.15 -27.87 7.69
CA LYS E 166 -7.39 -27.31 7.16
C LYS E 166 -7.12 -26.48 5.90
N ASN E 167 -6.13 -25.59 5.97
CA ASN E 167 -5.78 -24.76 4.82
C ASN E 167 -5.41 -25.61 3.62
N SER E 168 -4.59 -26.64 3.83
CA SER E 168 -4.25 -27.56 2.76
C SER E 168 -5.52 -28.19 2.20
N ARG E 169 -6.20 -28.98 3.02
CA ARG E 169 -7.41 -29.71 2.62
C ARG E 169 -8.38 -28.86 1.80
N ALA E 170 -8.60 -27.61 2.20
CA ALA E 170 -9.55 -26.77 1.47
C ALA E 170 -8.91 -26.10 0.25
N ILE E 171 -7.91 -25.24 0.50
CA ILE E 171 -7.43 -24.35 -0.55
C ILE E 171 -6.58 -25.08 -1.59
N LYS E 172 -5.98 -26.22 -1.25
CA LYS E 172 -5.23 -26.98 -2.25
C LYS E 172 -6.18 -27.62 -3.26
N ARG E 173 -7.30 -28.18 -2.79
CA ARG E 173 -8.32 -28.66 -3.71
C ARG E 173 -8.91 -27.52 -4.52
N ARG E 174 -9.12 -26.37 -3.89
CA ARG E 174 -9.60 -25.19 -4.61
C ARG E 174 -8.65 -24.81 -5.74
N LEU E 175 -7.35 -24.72 -5.45
CA LEU E 175 -6.37 -24.35 -6.45
C LEU E 175 -6.22 -25.42 -7.52
N ASP E 176 -6.39 -26.69 -7.15
CA ASP E 176 -6.35 -27.74 -8.17
C ASP E 176 -7.52 -27.63 -9.12
N ARG E 177 -8.73 -27.40 -8.59
CA ARG E 177 -9.88 -27.18 -9.46
C ARG E 177 -9.74 -25.90 -10.28
N ILE E 178 -8.98 -24.93 -9.79
CA ILE E 178 -8.72 -23.72 -10.57
C ILE E 178 -7.77 -24.04 -11.72
N LYS E 179 -6.66 -24.72 -11.43
CA LYS E 179 -5.69 -25.07 -12.46
C LYS E 179 -6.30 -25.99 -13.52
N GLN E 180 -7.22 -26.87 -13.11
CA GLN E 180 -7.86 -27.77 -14.05
C GLN E 180 -8.93 -27.04 -14.86
N ASN H 1 9.58 -50.32 3.09
CA ASN H 1 9.63 -49.48 4.27
C ASN H 1 8.53 -48.42 4.25
N MET H 2 8.46 -47.68 3.14
CA MET H 2 7.45 -46.63 3.02
C MET H 2 6.03 -47.18 2.94
N ALA H 3 5.87 -48.45 2.53
CA ALA H 3 4.54 -49.03 2.42
C ALA H 3 3.97 -49.43 3.78
N ILE H 4 4.83 -49.70 4.76
CA ILE H 4 4.38 -50.09 6.09
C ILE H 4 4.50 -48.92 7.05
N ILE H 5 5.44 -48.02 6.78
CA ILE H 5 5.64 -46.82 7.59
C ILE H 5 4.97 -45.69 6.83
N LYS H 6 3.70 -45.44 7.14
CA LYS H 6 2.96 -44.38 6.48
C LYS H 6 3.44 -43.01 6.94
N GLU H 7 3.07 -41.98 6.17
CA GLU H 7 3.48 -40.62 6.49
C GLU H 7 2.86 -40.08 7.76
N PHE H 8 1.84 -40.76 8.31
CA PHE H 8 1.25 -40.39 9.59
C PHE H 8 1.12 -41.65 10.43
N MET H 9 1.76 -41.65 11.60
CA MET H 9 1.78 -42.82 12.47
C MET H 9 1.66 -42.38 13.93
N ARG H 10 1.00 -43.22 14.71
CA ARG H 10 0.84 -43.02 16.15
C ARG H 10 1.67 -44.03 16.91
N PHE H 11 1.86 -43.78 18.21
CA PHE H 11 2.62 -44.69 19.05
C PHE H 11 2.05 -44.68 20.46
N LYS H 12 2.33 -45.76 21.19
CA LYS H 12 2.00 -45.88 22.60
C LYS H 12 3.27 -46.20 23.37
N VAL H 13 3.43 -45.56 24.53
CA VAL H 13 4.67 -45.67 25.31
C VAL H 13 4.32 -45.96 26.76
N HIS H 14 5.04 -46.91 27.36
CA HIS H 14 4.91 -47.27 28.77
C HIS H 14 6.29 -47.20 29.40
N MET H 15 6.44 -46.35 30.41
CA MET H 15 7.71 -46.15 31.08
C MET H 15 7.57 -46.48 32.56
N GLU H 16 8.48 -47.30 33.08
CA GLU H 16 8.60 -47.55 34.50
C GLU H 16 9.91 -46.94 34.98
N GLY H 17 9.85 -46.08 35.99
CA GLY H 17 11.02 -45.36 36.43
C GLY H 17 11.11 -45.31 37.94
N SER H 18 12.32 -45.03 38.41
CA SER H 18 12.59 -44.87 39.84
C SER H 18 13.68 -43.81 39.99
N VAL H 19 13.31 -42.66 40.53
CA VAL H 19 14.23 -41.54 40.71
C VAL H 19 14.43 -41.31 42.20
N ASN H 20 15.68 -41.48 42.65
CA ASN H 20 16.04 -41.28 44.06
C ASN H 20 15.16 -42.11 44.98
N GLY H 21 14.84 -43.33 44.55
CA GLY H 21 14.01 -44.23 45.32
C GLY H 21 12.52 -44.07 45.11
N HIS H 22 12.07 -42.97 44.50
CA HIS H 22 10.66 -42.74 44.25
C HIS H 22 10.29 -43.42 42.94
N GLU H 23 9.43 -44.44 43.02
CA GLU H 23 9.02 -45.20 41.85
C GLU H 23 7.78 -44.60 41.22
N PHE H 24 7.65 -44.77 39.91
CA PHE H 24 6.54 -44.19 39.17
C PHE H 24 6.41 -44.88 37.82
N GLU H 25 5.26 -44.67 37.18
CA GLU H 25 4.99 -45.16 35.84
C GLU H 25 4.29 -44.07 35.04
N ILE H 26 4.54 -44.08 33.73
CA ILE H 26 4.03 -43.06 32.82
C ILE H 26 3.49 -43.75 31.57
N GLU H 27 2.26 -43.42 31.20
CA GLU H 27 1.63 -43.95 29.99
C GLU H 27 1.37 -42.79 29.03
N GLY H 28 1.69 -43.00 27.76
CA GLY H 28 1.55 -41.92 26.79
C GLY H 28 1.14 -42.41 25.43
N GLU H 29 0.49 -41.53 24.68
CA GLU H 29 0.15 -41.74 23.28
C GLU H 29 0.55 -40.49 22.49
N GLY H 30 1.04 -40.71 21.27
CA GLY H 30 1.51 -39.61 20.44
C GLY H 30 1.18 -39.83 18.99
N GLU H 31 1.51 -38.83 18.18
CA GLU H 31 1.27 -38.86 16.75
C GLU H 31 2.17 -37.85 16.06
N GLY H 32 2.52 -38.13 14.81
CA GLY H 32 3.36 -37.23 14.06
C GLY H 32 3.61 -37.74 12.67
N ARG H 33 4.55 -37.09 11.99
CA ARG H 33 4.92 -37.46 10.62
C ARG H 33 6.40 -37.79 10.59
N PRO H 34 6.78 -39.06 10.43
CA PRO H 34 8.21 -39.43 10.53
C PRO H 34 9.06 -38.86 9.40
N TYR H 35 8.52 -38.69 8.20
CA TYR H 35 9.31 -38.19 7.08
C TYR H 35 9.39 -36.68 7.05
N GLU H 36 8.57 -35.97 7.82
CA GLU H 36 8.63 -34.52 7.90
C GLU H 36 9.26 -34.02 9.19
N GLY H 37 9.58 -34.92 10.13
CA GLY H 37 10.32 -34.53 11.32
C GLY H 37 9.55 -33.77 12.37
N THR H 38 8.24 -33.95 12.43
CA THR H 38 7.41 -33.31 13.44
C THR H 38 6.67 -34.37 14.24
N GLN H 39 6.61 -34.20 15.56
CA GLN H 39 5.83 -35.13 16.36
C GLN H 39 5.31 -34.46 17.62
N THR H 40 4.17 -34.93 18.12
CA THR H 40 3.59 -34.48 19.37
C THR H 40 3.21 -35.70 20.21
N ALA H 41 3.32 -35.54 21.52
CA ALA H 41 3.08 -36.65 22.44
C ALA H 41 2.36 -36.14 23.69
N LYS H 42 1.43 -36.94 24.19
CA LYS H 42 0.68 -36.63 25.40
C LYS H 42 0.98 -37.70 26.45
N LEU H 43 1.42 -37.27 27.63
CA LEU H 43 1.83 -38.19 28.68
C LEU H 43 0.90 -38.07 29.88
N LYS H 44 0.81 -39.14 30.66
CA LYS H 44 0.02 -39.18 31.88
C LYS H 44 0.75 -39.98 32.93
N VAL H 45 0.87 -39.42 34.13
CA VAL H 45 1.47 -40.12 35.26
C VAL H 45 0.42 -41.02 35.90
N THR H 46 0.75 -42.30 36.05
CA THR H 46 -0.18 -43.27 36.60
C THR H 46 0.13 -43.65 38.05
N LYS H 47 1.37 -43.46 38.50
CA LYS H 47 1.77 -43.80 39.86
C LYS H 47 2.68 -42.70 40.40
N GLY H 48 2.48 -42.38 41.68
CA GLY H 48 3.33 -41.39 42.32
C GLY H 48 2.96 -39.96 42.04
N GLY H 49 1.77 -39.69 41.53
CA GLY H 49 1.34 -38.34 41.22
C GLY H 49 0.68 -37.64 42.39
N LEU H 51 5.23 -35.98 40.43
CA LEU H 51 6.65 -36.29 40.42
C LEU H 51 7.45 -35.25 41.19
N PRO H 52 8.33 -35.69 42.08
CA PRO H 52 9.13 -34.77 42.89
C PRO H 52 10.37 -34.24 42.20
N PHE H 53 10.50 -34.38 40.88
CA PHE H 53 11.67 -33.92 40.16
C PHE H 53 11.23 -33.22 38.88
N ALA H 54 12.20 -32.63 38.19
CA ALA H 54 11.92 -31.89 36.97
C ALA H 54 11.54 -32.84 35.83
N TRP H 55 10.49 -32.47 35.10
CA TRP H 55 10.06 -33.27 33.95
C TRP H 55 11.04 -33.17 32.78
N ASP H 56 11.84 -32.10 32.73
CA ASP H 56 12.72 -31.88 31.58
C ASP H 56 13.75 -32.99 31.40
N ILE H 57 14.07 -33.74 32.47
CA ILE H 57 15.01 -34.85 32.34
C ILE H 57 14.43 -36.05 31.61
N LEU H 58 13.10 -36.08 31.42
CA LEU H 58 12.46 -37.18 30.73
C LEU H 58 12.18 -36.88 29.26
N SER H 59 12.21 -35.61 28.85
CA SER H 59 11.90 -35.21 27.49
C SER H 59 12.90 -35.72 26.43
N PRO H 60 14.22 -35.72 26.69
CA PRO H 60 15.14 -36.20 25.64
C PRO H 60 15.07 -37.69 25.37
N GLN H 61 14.20 -38.43 26.06
CA GLN H 61 14.11 -39.87 25.90
C GLN H 61 13.07 -40.29 24.87
N PHE H 62 12.32 -39.35 24.31
CA PHE H 62 11.32 -39.66 23.30
C PHE H 62 11.84 -39.39 21.90
N LYS H 67 13.06 -41.21 18.81
CA LYS H 67 14.08 -40.82 17.84
C LYS H 67 13.74 -41.33 16.44
N ALA H 68 12.65 -42.09 16.34
CA ALA H 68 12.19 -42.62 15.07
C ALA H 68 11.51 -41.57 14.21
N TYR H 69 11.46 -40.32 14.65
CA TYR H 69 10.77 -39.23 13.95
C TYR H 69 11.76 -38.16 13.49
N VAL H 70 12.92 -38.58 12.98
CA VAL H 70 13.94 -37.68 12.49
C VAL H 70 13.85 -37.63 10.97
N LYS H 71 13.80 -36.42 10.42
CA LYS H 71 13.71 -36.26 8.97
C LYS H 71 15.05 -36.55 8.32
N HIS H 72 15.04 -37.47 7.36
CA HIS H 72 16.23 -37.84 6.61
C HIS H 72 16.02 -37.59 5.12
N PRO H 73 17.00 -37.01 4.44
CA PRO H 73 16.91 -36.85 2.98
C PRO H 73 16.79 -38.20 2.28
N ALA H 74 16.24 -38.15 1.06
CA ALA H 74 16.01 -39.39 0.31
C ALA H 74 17.31 -40.09 -0.06
N ASP H 75 18.38 -39.35 -0.26
CA ASP H 75 19.67 -39.92 -0.62
C ASP H 75 20.52 -40.27 0.59
N ILE H 76 19.96 -40.20 1.79
CA ILE H 76 20.65 -40.59 3.02
C ILE H 76 19.87 -41.77 3.62
N PRO H 77 20.49 -42.92 3.81
CA PRO H 77 19.76 -44.07 4.36
C PRO H 77 19.24 -43.77 5.75
N ASP H 78 17.93 -43.98 5.94
CA ASP H 78 17.27 -43.74 7.23
C ASP H 78 17.47 -44.99 8.08
N TYR H 79 18.56 -44.99 8.85
CA TYR H 79 18.93 -46.16 9.64
C TYR H 79 17.83 -46.54 10.63
N LEU H 80 17.22 -45.54 11.27
CA LEU H 80 16.25 -45.83 12.32
C LEU H 80 14.91 -46.29 11.76
N LYS H 81 14.51 -45.81 10.58
CA LYS H 81 13.24 -46.22 10.00
C LYS H 81 13.30 -47.67 9.51
N LEU H 82 14.45 -48.08 8.97
CA LEU H 82 14.55 -49.42 8.40
C LEU H 82 14.52 -50.52 9.45
N SER H 83 14.72 -50.17 10.73
CA SER H 83 14.71 -51.18 11.78
C SER H 83 13.33 -51.78 12.00
N PHE H 84 12.27 -51.08 11.63
CA PHE H 84 10.91 -51.58 11.75
C PHE H 84 10.63 -52.63 10.67
N PRO H 85 9.65 -53.51 10.89
CA PRO H 85 8.71 -53.61 12.02
C PRO H 85 9.32 -54.23 13.29
N GLU H 86 10.54 -54.76 13.19
CA GLU H 86 11.17 -55.37 14.36
C GLU H 86 11.39 -54.35 15.47
N GLY H 87 11.83 -53.15 15.11
CA GLY H 87 12.13 -52.13 16.07
C GLY H 87 13.61 -52.05 16.38
N PHE H 88 13.91 -51.45 17.54
CA PHE H 88 15.29 -51.30 17.98
C PHE H 88 15.31 -51.12 19.50
N LYS H 89 16.51 -50.95 20.04
CA LYS H 89 16.69 -50.65 21.45
C LYS H 89 17.68 -49.50 21.57
N TRP H 90 17.64 -48.83 22.72
CA TRP H 90 18.66 -47.83 23.00
C TRP H 90 18.86 -47.68 24.50
N GLU H 91 20.11 -47.44 24.88
CA GLU H 91 20.52 -47.29 26.27
C GLU H 91 21.28 -45.99 26.42
N ARG H 92 20.88 -45.19 27.41
CA ARG H 92 21.41 -43.84 27.59
C ARG H 92 21.88 -43.64 29.02
N VAL H 93 23.02 -42.98 29.17
CA VAL H 93 23.58 -42.60 30.46
C VAL H 93 23.78 -41.09 30.45
N MET H 94 23.18 -40.42 31.42
CA MET H 94 23.26 -38.97 31.56
C MET H 94 23.89 -38.66 32.91
N ASN H 95 25.08 -38.06 32.89
CA ASN H 95 25.79 -37.64 34.09
C ASN H 95 25.68 -36.12 34.19
N PHE H 96 24.99 -35.66 35.23
CA PHE H 96 24.83 -34.23 35.47
C PHE H 96 26.03 -33.70 36.26
N GLU H 97 26.26 -32.40 36.14
CA GLU H 97 27.47 -31.80 36.70
C GLU H 97 27.48 -31.80 38.22
N ASP H 98 26.32 -31.96 38.87
CA ASP H 98 26.26 -31.96 40.33
C ASP H 98 26.17 -33.37 40.91
N GLY H 99 26.47 -34.39 40.11
CA GLY H 99 26.47 -35.75 40.58
C GLY H 99 25.24 -36.57 40.22
N GLY H 100 24.22 -35.94 39.62
CA GLY H 100 23.04 -36.68 39.24
C GLY H 100 23.32 -37.64 38.11
N VAL H 101 22.75 -38.84 38.22
CA VAL H 101 22.96 -39.90 37.24
C VAL H 101 21.59 -40.42 36.79
N VAL H 102 21.43 -40.61 35.48
CA VAL H 102 20.19 -41.13 34.91
C VAL H 102 20.55 -42.22 33.91
N THR H 103 20.06 -43.44 34.14
CA THR H 103 20.27 -44.56 33.24
C THR H 103 18.92 -44.99 32.67
N VAL H 104 18.82 -45.01 31.35
CA VAL H 104 17.58 -45.30 30.65
C VAL H 104 17.81 -46.44 29.66
N THR H 105 16.87 -47.38 29.61
CA THR H 105 16.82 -48.41 28.59
C THR H 105 15.46 -48.36 27.92
N GLN H 106 15.43 -48.58 26.61
CA GLN H 106 14.16 -48.49 25.90
C GLN H 106 14.14 -49.45 24.72
N ASP H 107 12.97 -50.06 24.51
CA ASP H 107 12.71 -50.96 23.40
C ASP H 107 11.55 -50.41 22.59
N SER H 108 11.72 -50.35 21.26
CA SER H 108 10.70 -49.83 20.35
C SER H 108 10.34 -50.93 19.37
N SER H 109 9.07 -51.31 19.33
CA SER H 109 8.60 -52.34 18.42
C SER H 109 7.39 -51.87 17.63
N PHE H 115 2.96 -48.13 17.19
CA PHE H 115 4.24 -48.49 17.78
C PHE H 115 4.11 -48.68 19.30
N ILE H 116 4.93 -49.57 19.85
CA ILE H 116 4.93 -49.87 21.28
C ILE H 116 6.32 -49.61 21.83
N TYR H 117 6.41 -48.72 22.81
CA TYR H 117 7.66 -48.36 23.46
C TYR H 117 7.63 -48.81 24.91
N LYS H 118 8.69 -49.48 25.35
CA LYS H 118 8.84 -49.92 26.73
C LYS H 118 10.11 -49.32 27.29
N VAL H 119 9.98 -48.51 28.34
CA VAL H 119 11.09 -47.75 28.90
C VAL H 119 11.30 -48.14 30.36
N LYS H 120 12.57 -48.24 30.75
CA LYS H 120 12.95 -48.48 32.14
C LYS H 120 13.99 -47.43 32.52
N LEU H 121 13.70 -46.65 33.56
CA LEU H 121 14.50 -45.49 33.92
C LEU H 121 14.90 -45.53 35.39
N ARG H 122 16.14 -45.16 35.67
CA ARG H 122 16.66 -45.15 37.04
C ARG H 122 17.50 -43.88 37.22
N GLY H 123 17.05 -43.00 38.10
CA GLY H 123 17.76 -41.78 38.42
C GLY H 123 18.20 -41.80 39.88
N THR H 124 19.48 -41.52 40.09
CA THR H 124 20.09 -41.60 41.41
C THR H 124 21.05 -40.44 41.63
N ASN H 125 21.34 -40.18 42.91
CA ASN H 125 22.38 -39.24 43.33
C ASN H 125 22.08 -37.82 42.88
N PHE H 126 20.81 -37.44 42.92
CA PHE H 126 20.49 -36.04 42.64
C PHE H 126 20.52 -35.24 43.93
N PRO H 127 21.26 -34.13 43.99
CA PRO H 127 21.32 -33.35 45.22
C PRO H 127 19.96 -32.76 45.57
N SER H 128 19.65 -32.76 46.87
CA SER H 128 18.37 -32.23 47.33
C SER H 128 18.26 -30.73 47.07
N ASP H 129 19.38 -30.02 47.05
CA ASP H 129 19.40 -28.59 46.78
C ASP H 129 19.83 -28.26 45.35
N GLY H 130 19.96 -29.26 44.49
CA GLY H 130 20.33 -29.05 43.12
C GLY H 130 19.17 -28.58 42.28
N PRO H 131 19.48 -28.09 41.08
CA PRO H 131 18.41 -27.55 40.21
C PRO H 131 17.44 -28.59 39.72
N VAL H 132 17.80 -29.88 39.76
CA VAL H 132 16.87 -30.92 39.32
C VAL H 132 15.78 -31.16 40.36
N MET H 133 16.19 -31.43 41.61
CA MET H 133 15.21 -31.72 42.65
C MET H 133 14.48 -30.46 43.10
N GLN H 134 15.09 -29.28 42.94
CA GLN H 134 14.45 -28.03 43.31
C GLN H 134 13.68 -27.41 42.15
N LYS H 135 13.73 -28.00 40.96
CA LYS H 135 12.96 -27.55 39.80
C LYS H 135 13.29 -26.11 39.43
N LYS H 136 14.58 -25.83 39.30
CA LYS H 136 15.07 -24.51 38.88
C LYS H 136 15.46 -24.47 37.42
N THR H 137 14.94 -25.39 36.60
CA THR H 137 15.28 -25.49 35.20
C THR H 137 14.25 -24.78 34.34
N MET H 138 14.68 -24.37 33.14
CA MET H 138 13.84 -23.61 32.22
C MET H 138 13.90 -24.19 30.81
N GLY H 139 14.04 -25.51 30.69
CA GLY H 139 14.09 -26.16 29.40
C GLY H 139 15.51 -26.27 28.86
N TRP H 140 15.67 -27.20 27.92
CA TRP H 140 16.98 -27.48 27.34
C TRP H 140 17.30 -26.50 26.21
N GLU H 141 18.57 -26.10 26.12
CA GLU H 141 19.04 -25.33 25.00
C GLU H 141 19.15 -26.22 23.75
N ALA H 142 19.28 -25.57 22.59
CA ALA H 142 19.52 -26.30 21.36
C ALA H 142 20.88 -26.98 21.40
N SER H 143 20.93 -28.25 21.01
CA SER H 143 22.14 -29.05 21.08
C SER H 143 22.26 -29.88 19.82
N SER H 144 23.37 -29.70 19.09
CA SER H 144 23.64 -30.46 17.88
C SER H 144 24.35 -31.76 18.27
N GLU H 145 23.67 -32.89 18.08
CA GLU H 145 24.22 -34.19 18.40
C GLU H 145 24.84 -34.80 17.15
N ARG H 146 26.14 -35.06 17.20
CA ARG H 146 26.85 -35.65 16.07
C ARG H 146 26.84 -37.17 16.21
N MET H 147 26.35 -37.86 15.18
CA MET H 147 26.26 -39.31 15.18
C MET H 147 27.36 -39.91 14.31
N TYR H 148 27.85 -41.06 14.75
CA TYR H 148 28.91 -41.76 14.02
C TYR H 148 28.93 -43.25 14.37
N ALA H 153 26.77 -50.69 16.44
CA ALA H 153 25.65 -49.84 16.80
C ALA H 153 25.96 -48.37 16.53
N LEU H 154 24.98 -47.50 16.80
CA LEU H 154 25.12 -46.07 16.60
C LEU H 154 25.35 -45.39 17.94
N LYS H 155 26.36 -44.53 18.02
CA LYS H 155 26.72 -43.85 19.25
C LYS H 155 26.43 -42.36 19.13
N GLY H 156 26.02 -41.75 20.25
CA GLY H 156 25.78 -40.33 20.29
C GLY H 156 26.18 -39.71 21.61
N GLU H 157 26.97 -38.64 21.55
CA GLU H 157 27.44 -37.94 22.74
C GLU H 157 26.99 -36.48 22.68
N ILE H 158 26.45 -35.99 23.79
CA ILE H 158 25.87 -34.66 23.88
C ILE H 158 26.44 -33.94 25.09
N LYS H 159 26.88 -32.70 24.89
CA LYS H 159 27.20 -31.79 25.98
C LYS H 159 25.99 -30.87 26.17
N GLN H 160 24.98 -31.39 26.84
CA GLN H 160 23.69 -30.71 26.91
C GLN H 160 23.70 -29.63 27.98
N ARG H 161 22.98 -28.55 27.72
CA ARG H 161 22.92 -27.41 28.62
C ARG H 161 21.47 -27.14 29.01
N LEU H 162 21.22 -27.07 30.32
CA LEU H 162 19.88 -26.85 30.86
C LEU H 162 19.80 -25.43 31.39
N LYS H 163 18.81 -24.67 30.90
CA LYS H 163 18.67 -23.28 31.28
C LYS H 163 18.23 -23.16 32.73
N LEU H 164 18.79 -22.18 33.44
CA LEU H 164 18.46 -21.91 34.83
C LEU H 164 17.59 -20.67 34.94
N LYS H 165 16.75 -20.64 35.97
CA LYS H 165 15.86 -19.50 36.16
C LYS H 165 16.63 -18.24 36.53
N ASP H 166 17.65 -18.37 37.36
CA ASP H 166 18.45 -17.22 37.82
C ASP H 166 19.61 -16.91 36.89
N GLY H 167 19.67 -17.53 35.72
CA GLY H 167 20.73 -17.28 34.77
C GLY H 167 21.75 -18.41 34.73
N GLY H 168 22.52 -18.43 33.66
CA GLY H 168 23.51 -19.47 33.46
C GLY H 168 22.94 -20.70 32.81
N HIS H 169 23.72 -21.77 32.90
CA HIS H 169 23.33 -23.05 32.31
C HIS H 169 23.70 -24.18 33.26
N TYR H 170 22.99 -25.29 33.13
CA TYR H 170 23.19 -26.49 33.92
C TYR H 170 23.61 -27.60 32.96
N ASP H 171 24.89 -27.94 32.96
CA ASP H 171 25.47 -28.81 31.94
C ASP H 171 25.41 -30.27 32.37
N ALA H 172 25.34 -31.14 31.36
CA ALA H 172 25.31 -32.58 31.57
C ALA H 172 25.95 -33.27 30.37
N GLU H 173 26.56 -34.42 30.64
CA GLU H 173 27.16 -35.25 29.60
C GLU H 173 26.26 -36.45 29.34
N VAL H 174 25.79 -36.59 28.11
CA VAL H 174 24.85 -37.64 27.73
C VAL H 174 25.53 -38.55 26.72
N LYS H 175 25.40 -39.86 26.91
CA LYS H 175 25.94 -40.84 25.96
C LYS H 175 24.88 -41.90 25.72
N THR H 176 24.50 -42.08 24.45
CA THR H 176 23.42 -42.97 24.08
C THR H 176 23.88 -43.93 22.99
N THR H 177 23.47 -45.19 23.12
CA THR H 177 23.74 -46.22 22.14
C THR H 177 22.41 -46.72 21.58
N TYR H 178 22.26 -46.64 20.26
CA TYR H 178 21.09 -47.13 19.55
C TYR H 178 21.48 -48.35 18.73
N LYS H 179 20.76 -49.45 18.93
CA LYS H 179 21.05 -50.71 18.25
C LYS H 179 19.77 -51.24 17.63
N ALA H 180 19.77 -51.41 16.31
CA ALA H 180 18.62 -51.97 15.61
C ALA H 180 18.58 -53.48 15.79
N LYS H 181 17.35 -54.02 15.81
CA LYS H 181 17.17 -55.46 15.92
C LYS H 181 17.48 -56.18 14.62
N LYS H 182 17.58 -55.47 13.50
CA LYS H 182 17.87 -56.04 12.20
C LYS H 182 19.04 -55.29 11.57
N PRO H 183 20.05 -55.99 11.06
CA PRO H 183 21.20 -55.28 10.46
C PRO H 183 20.84 -54.63 9.15
N VAL H 184 21.13 -53.34 9.05
CA VAL H 184 20.93 -52.56 7.83
C VAL H 184 22.18 -51.74 7.57
N GLN H 185 22.20 -51.09 6.41
CA GLN H 185 23.38 -50.34 5.99
C GLN H 185 23.60 -49.13 6.90
N LEU H 186 24.83 -48.99 7.40
CA LEU H 186 25.17 -47.85 8.24
C LEU H 186 25.54 -46.65 7.38
N PRO H 187 25.11 -45.45 7.76
CA PRO H 187 25.44 -44.25 6.97
C PRO H 187 26.80 -43.67 7.33
N GLY H 188 27.17 -42.58 6.68
CA GLY H 188 28.41 -41.88 6.97
C GLY H 188 28.26 -40.89 8.11
N ALA H 189 29.18 -39.93 8.14
CA ALA H 189 29.16 -38.89 9.17
C ALA H 189 28.07 -37.87 8.87
N TYR H 190 27.35 -37.47 9.91
CA TYR H 190 26.27 -36.50 9.78
C TYR H 190 25.95 -35.96 11.17
N ASN H 191 25.26 -34.81 11.19
CA ASN H 191 24.88 -34.18 12.44
C ASN H 191 23.41 -33.79 12.39
N VAL H 192 22.68 -34.07 13.47
CA VAL H 192 21.24 -33.87 13.52
C VAL H 192 20.94 -32.65 14.40
N ASN H 193 20.20 -31.70 13.85
CA ASN H 193 19.69 -30.57 14.61
C ASN H 193 18.31 -30.94 15.16
N ILE H 194 18.17 -30.85 16.48
CA ILE H 194 16.96 -31.27 17.18
C ILE H 194 16.48 -30.13 18.06
N LYS H 195 15.17 -29.89 18.06
CA LYS H 195 14.57 -28.93 18.98
C LYS H 195 13.29 -29.52 19.56
N LEU H 196 13.21 -29.54 20.88
CA LEU H 196 12.08 -30.07 21.62
C LEU H 196 11.43 -28.95 22.41
N ASP H 197 10.10 -28.98 22.50
CA ASP H 197 9.33 -27.94 23.18
C ASP H 197 8.25 -28.59 24.03
N ILE H 198 8.01 -28.00 25.21
CA ILE H 198 6.90 -28.41 26.06
C ILE H 198 5.72 -27.51 25.72
N THR H 199 4.70 -28.07 25.07
CA THR H 199 3.62 -27.26 24.55
C THR H 199 2.57 -26.93 25.60
N SER H 200 2.37 -27.80 26.58
CA SER H 200 1.36 -27.58 27.61
C SER H 200 1.68 -28.46 28.81
N HIS H 201 1.31 -27.95 29.99
CA HIS H 201 1.51 -28.68 31.24
C HIS H 201 0.68 -28.02 32.32
N ASN H 202 0.23 -28.83 33.28
CA ASN H 202 -0.52 -28.31 34.42
C ASN H 202 0.46 -27.83 35.49
N GLU H 203 -0.06 -27.51 36.67
CA GLU H 203 0.78 -26.91 37.71
C GLU H 203 1.79 -27.91 38.26
N ASP H 204 1.39 -29.18 38.39
CA ASP H 204 2.26 -30.20 38.98
C ASP H 204 2.91 -31.09 37.92
N TYR H 205 2.83 -30.72 36.64
CA TYR H 205 3.48 -31.45 35.55
C TYR H 205 3.04 -32.92 35.50
N THR H 206 1.75 -33.15 35.73
CA THR H 206 1.19 -34.49 35.63
C THR H 206 0.59 -34.79 34.27
N ILE H 207 0.26 -33.74 33.49
CA ILE H 207 -0.25 -33.88 32.13
C ILE H 207 0.61 -32.99 31.25
N VAL H 208 1.42 -33.60 30.40
CA VAL H 208 2.42 -32.89 29.61
C VAL H 208 2.29 -33.27 28.15
N GLU H 209 2.28 -32.28 27.27
CA GLU H 209 2.34 -32.48 25.83
C GLU H 209 3.67 -31.93 25.31
N GLN H 210 4.31 -32.70 24.43
CA GLN H 210 5.62 -32.37 23.92
C GLN H 210 5.60 -32.34 22.40
N TYR H 211 6.43 -31.48 21.82
CA TYR H 211 6.59 -31.35 20.38
C TYR H 211 8.07 -31.47 20.04
N GLU H 212 8.37 -32.17 18.95
CA GLU H 212 9.76 -32.41 18.58
C GLU H 212 9.94 -32.23 17.07
N ARG H 213 11.01 -31.51 16.72
CA ARG H 213 11.49 -31.36 15.35
C ARG H 213 12.93 -31.83 15.28
N ALA H 214 13.26 -32.61 14.25
CA ALA H 214 14.61 -33.14 14.10
C ALA H 214 14.94 -33.28 12.62
N GLU H 215 16.12 -32.80 12.23
CA GLU H 215 16.54 -32.87 10.83
C GLU H 215 18.03 -33.11 10.75
N GLY H 216 18.44 -34.05 9.89
CA GLY H 216 19.84 -34.36 9.72
C GLY H 216 20.49 -33.51 8.63
N ARG H 217 21.80 -33.31 8.77
CA ARG H 217 22.57 -32.51 7.84
C ARG H 217 23.95 -33.14 7.67
N HIS H 218 24.58 -32.82 6.55
CA HIS H 218 25.94 -33.29 6.29
C HIS H 218 26.94 -32.58 7.19
N SER H 219 27.98 -33.30 7.57
CA SER H 219 29.04 -32.73 8.40
C SER H 219 30.20 -32.22 7.55
#